data_2R02
#
_entry.id   2R02
#
_cell.length_a   145.923
_cell.length_b   99.078
_cell.length_c   73.226
_cell.angle_alpha   90.000
_cell.angle_beta   107.320
_cell.angle_gamma   90.000
#
_symmetry.space_group_name_H-M   'C 1 2 1'
#
loop_
_entity.id
_entity.type
_entity.pdbx_description
1 polymer 'Programmed cell death 6-interacting protein'
2 polymer p6-gag
3 water water
#
loop_
_entity_poly.entity_id
_entity_poly.type
_entity_poly.pdbx_seq_one_letter_code
_entity_poly.pdbx_strand_id
1 'polypeptide(L)'
;ATFISVQLKKTSEVDLAKPLVKFIQQTYPSGGEEQAQYCRAAEELSKLRRAAVGRPLDKHEGALETLLRYYDQICSIEPK
FPFSENQICLTFTWKDAFDKGSLFGGSVKLALASLGYEKSCVLFNCAALASQIAAEQNLDNDEGLKIAAKHYQFASGAFL
HIKETVLSALSREPTVDISPDTVGTLSLIMLAQAQEVFFLKATRDKMKDAIIAKLANQAADYFGDAFKQCQYKDTLPKEV
FPVLAAKHCIMQANAEYHQSILAKQQYYFGEEIARLQHAAELIKTVASRYDEYVNVKDFSDKINRALAAAKKDNDFIYHD
RVPDLKDLDPIGKATLVKSTPVNVPISQKFTDLFEKMVPVSVQQSLAAYNQRKADLVNRSIAQMREATTLANGVLASLNL
PAAIEDVSGDTVPQSILTKSRSVIEQGGIQTVDQLIKELPELLQRNREILDESLRLLDEEEATDNDLRAKFKERWQRTPS
NELYKPLRAEGTNFRTVLDKAVQADGQVKECYQSHRDTIVLLCKPEPELNAAIPSANPAKTMQGSEVVNVLKSLLSNLDE
VKKEREGLENDLKSVNFDMTSKFLTALAQDGVINEEALSVTELDRVYGGLTTKVQESLKKQEGLLKNIQVSHQEFSKMKQ
SNNEANLREEVLKNLATAYDNFVELVANLKEGTKFYNELTEILVRFQNKCSDIVFAR
;
A
2 'polypeptide(L)' ELYPLTSLRSL B
#
# COMPACT_ATOMS: atom_id res chain seq x y z
N ALA A 1 37.87 -33.00 12.97
CA ALA A 1 37.09 -32.07 13.84
C ALA A 1 35.78 -31.58 13.14
N THR A 2 34.65 -31.67 13.85
CA THR A 2 33.33 -31.69 13.20
C THR A 2 32.22 -30.87 13.89
N PHE A 3 31.84 -29.78 13.21
CA PHE A 3 30.76 -28.92 13.63
C PHE A 3 29.50 -29.20 12.85
N ILE A 4 28.35 -29.01 13.48
CA ILE A 4 27.10 -29.15 12.78
C ILE A 4 26.94 -27.97 11.86
N SER A 5 26.43 -28.18 10.65
CA SER A 5 25.89 -27.09 9.84
C SER A 5 24.59 -27.52 9.14
N VAL A 6 23.86 -26.57 8.57
CA VAL A 6 22.61 -26.87 7.89
C VAL A 6 22.71 -26.71 6.38
N GLN A 7 22.08 -27.63 5.66
CA GLN A 7 22.00 -27.60 4.19
C GLN A 7 20.94 -26.60 3.73
N LEU A 8 21.13 -25.97 2.58
CA LEU A 8 20.11 -25.03 2.17
C LEU A 8 18.82 -25.72 1.68
N LYS A 9 17.74 -24.95 1.59
CA LYS A 9 16.48 -25.40 1.04
C LYS A 9 16.48 -25.18 -0.46
N LYS A 10 15.82 -26.09 -1.17
CA LYS A 10 15.68 -25.97 -2.63
C LYS A 10 14.34 -25.31 -2.96
N THR A 11 14.37 -24.40 -3.93
CA THR A 11 13.18 -23.74 -4.49
C THR A 11 13.06 -24.06 -5.96
N SER A 12 11.84 -24.02 -6.49
CA SER A 12 11.67 -23.91 -7.94
C SER A 12 11.71 -22.44 -8.33
N GLU A 13 12.24 -22.18 -9.52
CA GLU A 13 12.35 -20.82 -10.04
C GLU A 13 10.99 -20.28 -10.48
N VAL A 14 10.71 -19.04 -10.10
CA VAL A 14 9.47 -18.39 -10.50
C VAL A 14 9.76 -17.03 -11.13
N ASP A 15 8.77 -16.56 -11.90
CA ASP A 15 8.85 -15.26 -12.55
C ASP A 15 8.37 -14.19 -11.57
N LEU A 16 9.32 -13.48 -10.96
CA LEU A 16 9.00 -12.36 -10.08
C LEU A 16 8.61 -11.18 -10.94
N ALA A 17 9.42 -10.96 -11.97
CA ALA A 17 9.41 -9.76 -12.81
C ALA A 17 8.03 -9.29 -13.26
N LYS A 18 7.24 -10.22 -13.78
CA LYS A 18 6.06 -9.85 -14.58
C LYS A 18 4.70 -9.74 -13.87
N PRO A 19 4.43 -10.56 -12.83
CA PRO A 19 3.29 -10.24 -11.95
C PRO A 19 3.48 -8.94 -11.13
N LEU A 20 4.72 -8.49 -10.96
CA LEU A 20 4.99 -7.19 -10.35
C LEU A 20 4.77 -6.05 -11.35
N VAL A 21 5.28 -6.25 -12.57
CA VAL A 21 5.14 -5.30 -13.67
C VAL A 21 3.68 -4.94 -13.95
N LYS A 22 2.78 -5.92 -13.83
CA LYS A 22 1.32 -5.68 -13.96
C LYS A 22 0.83 -4.59 -13.01
N PHE A 23 1.14 -4.72 -11.71
CA PHE A 23 0.77 -3.68 -10.74
C PHE A 23 1.47 -2.37 -11.04
N ILE A 24 2.81 -2.41 -11.09
CA ILE A 24 3.65 -1.25 -11.38
C ILE A 24 2.99 -0.28 -12.36
N GLN A 25 2.61 -0.82 -13.52
CA GLN A 25 2.04 -0.04 -14.61
C GLN A 25 0.60 0.40 -14.33
N GLN A 26 -0.23 -0.51 -13.84
CA GLN A 26 -1.64 -0.20 -13.55
C GLN A 26 -1.80 0.84 -12.42
N THR A 27 -0.67 1.29 -11.89
CA THR A 27 -0.64 2.24 -10.78
C THR A 27 -0.09 3.61 -11.21
N TYR A 28 0.70 3.63 -12.29
CA TYR A 28 1.40 4.86 -12.72
C TYR A 28 1.07 5.30 -14.17
N PRO A 29 1.43 6.56 -14.55
CA PRO A 29 1.15 7.06 -15.91
C PRO A 29 1.95 6.34 -17.00
N SER A 30 1.27 5.47 -17.74
CA SER A 30 1.89 4.57 -18.72
C SER A 30 2.73 5.28 -19.78
N GLY A 31 4.03 5.03 -19.77
CA GLY A 31 4.96 5.62 -20.72
C GLY A 31 5.82 6.71 -20.09
N GLY A 32 5.62 6.95 -18.79
CA GLY A 32 6.37 7.96 -18.06
C GLY A 32 7.58 7.43 -17.31
N GLU A 33 8.30 8.34 -16.65
CA GLU A 33 9.51 7.99 -15.90
C GLU A 33 9.21 7.26 -14.57
N GLU A 34 8.09 7.61 -13.94
CA GLU A 34 7.66 7.02 -12.65
C GLU A 34 7.17 5.57 -12.84
N GLN A 35 7.93 4.84 -13.66
CA GLN A 35 7.56 3.54 -14.20
C GLN A 35 8.76 3.02 -14.99
N ALA A 36 9.57 3.94 -15.50
CA ALA A 36 10.82 3.59 -16.19
C ALA A 36 11.77 2.80 -15.28
N GLN A 37 12.14 3.38 -14.14
CA GLN A 37 13.05 2.73 -13.19
C GLN A 37 12.40 1.63 -12.36
N TYR A 38 11.09 1.43 -12.54
CA TYR A 38 10.33 0.47 -11.75
C TYR A 38 10.12 -0.86 -12.47
N CYS A 39 10.40 -0.87 -13.77
CA CYS A 39 10.35 -2.10 -14.56
C CYS A 39 11.77 -2.61 -14.79
N ARG A 40 12.71 -1.67 -14.89
CA ARG A 40 14.14 -1.96 -14.94
C ARG A 40 14.62 -2.64 -13.65
N ALA A 41 14.08 -2.20 -12.52
CA ALA A 41 14.42 -2.77 -11.22
C ALA A 41 13.75 -4.12 -10.95
N ALA A 42 12.47 -4.25 -11.31
CA ALA A 42 11.72 -5.50 -11.08
C ALA A 42 12.31 -6.69 -11.85
N GLU A 43 12.95 -6.40 -12.97
CA GLU A 43 13.63 -7.43 -13.77
C GLU A 43 14.97 -7.75 -13.11
N GLU A 44 15.60 -6.73 -12.54
CA GLU A 44 16.87 -6.89 -11.83
C GLU A 44 16.67 -7.58 -10.48
N LEU A 45 15.42 -7.57 -10.00
CA LEU A 45 15.01 -8.28 -8.80
C LEU A 45 14.81 -9.77 -9.09
N SER A 46 14.23 -10.05 -10.26
CA SER A 46 14.01 -11.42 -10.72
C SER A 46 15.35 -12.08 -10.99
N LYS A 47 16.26 -11.31 -11.58
CA LYS A 47 17.64 -11.76 -11.79
C LYS A 47 18.31 -12.11 -10.47
N LEU A 48 18.19 -11.23 -9.49
CA LEU A 48 18.84 -11.38 -8.19
C LEU A 48 18.37 -12.63 -7.43
N ARG A 49 17.06 -12.89 -7.43
CA ARG A 49 16.50 -14.12 -6.87
C ARG A 49 17.09 -15.37 -7.50
N ARG A 50 17.35 -15.30 -8.81
CA ARG A 50 17.97 -16.40 -9.54
C ARG A 50 19.38 -16.68 -9.02
N ALA A 51 20.21 -15.66 -8.91
CA ALA A 51 21.57 -15.84 -8.41
C ALA A 51 21.61 -16.22 -6.91
N ALA A 52 20.53 -15.94 -6.20
CA ALA A 52 20.50 -16.11 -4.75
C ALA A 52 20.12 -17.51 -4.34
N VAL A 53 19.34 -18.16 -5.20
CA VAL A 53 18.51 -19.26 -4.78
C VAL A 53 18.49 -20.35 -5.85
N GLY A 54 18.76 -19.95 -7.10
CA GLY A 54 18.58 -20.81 -8.26
C GLY A 54 19.48 -22.04 -8.33
N ARG A 55 20.56 -22.02 -7.56
CA ARG A 55 21.44 -23.17 -7.47
C ARG A 55 22.08 -23.33 -6.09
N PRO A 56 21.90 -24.49 -5.46
CA PRO A 56 22.72 -24.79 -4.28
C PRO A 56 24.14 -25.15 -4.76
N LEU A 57 25.02 -24.13 -4.82
CA LEU A 57 26.34 -24.30 -5.41
C LEU A 57 27.50 -23.63 -4.65
N ASP A 58 27.63 -22.31 -4.79
CA ASP A 58 28.74 -21.56 -4.19
C ASP A 58 28.76 -21.74 -2.66
N LYS A 59 29.86 -21.33 -2.03
CA LYS A 59 30.11 -21.68 -0.62
C LYS A 59 31.02 -20.67 0.10
N HIS A 60 30.88 -19.38 -0.21
CA HIS A 60 31.57 -18.33 0.54
C HIS A 60 30.82 -16.98 0.58
N GLU A 61 31.43 -16.00 1.26
CA GLU A 61 30.82 -14.69 1.43
C GLU A 61 30.71 -13.91 0.12
N GLY A 62 31.15 -14.54 -0.98
CA GLY A 62 30.72 -14.13 -2.31
C GLY A 62 29.23 -14.42 -2.40
N ALA A 63 28.84 -15.68 -2.28
CA ALA A 63 27.44 -16.10 -2.41
C ALA A 63 26.56 -15.76 -1.19
N LEU A 64 27.16 -15.54 -0.04
CA LEU A 64 26.38 -15.18 1.13
C LEU A 64 25.81 -13.78 0.98
N GLU A 65 26.66 -12.80 0.66
CA GLU A 65 26.23 -11.40 0.45
C GLU A 65 25.10 -11.29 -0.58
N THR A 66 25.19 -12.11 -1.62
CA THR A 66 24.16 -12.16 -2.64
C THR A 66 22.82 -12.54 -2.00
N LEU A 67 22.83 -13.58 -1.15
CA LEU A 67 21.65 -13.98 -0.39
C LEU A 67 21.16 -12.89 0.55
N LEU A 68 22.09 -12.31 1.32
CA LEU A 68 21.78 -11.19 2.22
C LEU A 68 21.26 -9.98 1.42
N ARG A 69 21.96 -9.63 0.34
CA ARG A 69 21.44 -8.66 -0.62
C ARG A 69 20.00 -9.00 -0.99
N TYR A 70 19.72 -10.27 -1.25
CA TYR A 70 18.37 -10.65 -1.65
C TYR A 70 17.35 -10.50 -0.51
N TYR A 71 17.66 -11.02 0.68
CA TYR A 71 16.76 -10.83 1.83
C TYR A 71 16.41 -9.35 2.05
N ASP A 72 17.42 -8.49 1.98
CA ASP A 72 17.22 -7.07 2.23
C ASP A 72 16.28 -6.44 1.21
N GLN A 73 16.41 -6.86 -0.05
CA GLN A 73 15.55 -6.36 -1.10
C GLN A 73 14.15 -6.92 -0.94
N ILE A 74 14.05 -8.22 -0.73
CA ILE A 74 12.74 -8.83 -0.50
C ILE A 74 11.98 -8.22 0.70
N CYS A 75 12.70 -7.65 1.67
CA CYS A 75 12.04 -7.02 2.82
C CYS A 75 11.62 -5.59 2.54
N SER A 76 12.41 -4.90 1.72
CA SER A 76 12.19 -3.51 1.36
C SER A 76 10.96 -3.30 0.46
N ILE A 77 10.52 -4.39 -0.17
CA ILE A 77 9.45 -4.43 -1.17
C ILE A 77 8.06 -4.67 -0.56
N GLU A 78 7.99 -5.28 0.61
CA GLU A 78 6.71 -5.65 1.23
C GLU A 78 5.78 -4.47 1.51
N PRO A 79 6.32 -3.30 1.91
CA PRO A 79 5.44 -2.16 2.11
C PRO A 79 5.04 -1.44 0.80
N LYS A 80 5.30 -2.07 -0.34
CA LYS A 80 4.79 -1.59 -1.62
C LYS A 80 3.76 -2.60 -2.15
N PHE A 81 3.88 -3.00 -3.42
CA PHE A 81 2.95 -3.94 -4.08
C PHE A 81 2.06 -4.71 -3.09
N PRO A 82 0.73 -4.58 -3.22
CA PRO A 82 -0.20 -5.16 -2.23
C PRO A 82 -0.10 -6.69 -2.07
N PHE A 83 0.91 -7.13 -1.33
CA PHE A 83 1.05 -8.53 -0.95
C PHE A 83 0.03 -8.85 0.13
N SER A 84 0.03 -8.00 1.16
CA SER A 84 -0.95 -8.03 2.25
C SER A 84 -2.39 -7.83 1.75
N GLU A 85 -2.56 -7.80 0.42
CA GLU A 85 -3.87 -7.73 -0.22
C GLU A 85 -3.85 -8.77 -1.34
N ASN A 86 -3.95 -10.04 -0.93
CA ASN A 86 -3.83 -11.19 -1.83
C ASN A 86 -4.56 -11.05 -3.16
N GLN A 87 -3.80 -10.71 -4.20
CA GLN A 87 -4.26 -10.73 -5.60
C GLN A 87 -3.12 -10.99 -6.58
N ILE A 88 -1.88 -10.93 -6.08
CA ILE A 88 -0.71 -11.25 -6.90
C ILE A 88 -0.42 -12.75 -6.81
N CYS A 89 -0.33 -13.38 -7.98
CA CYS A 89 -0.24 -14.85 -8.09
C CYS A 89 1.19 -15.35 -8.14
N LEU A 90 2.07 -14.53 -7.58
CA LEU A 90 3.44 -14.92 -7.35
C LEU A 90 3.42 -15.98 -6.24
N THR A 91 3.50 -17.24 -6.64
CA THR A 91 3.52 -18.35 -5.71
C THR A 91 4.90 -18.97 -5.58
N PHE A 92 5.47 -18.87 -4.37
CA PHE A 92 6.80 -19.35 -4.05
C PHE A 92 6.79 -20.80 -3.58
N THR A 93 7.73 -21.60 -4.09
CA THR A 93 7.80 -23.04 -3.77
C THR A 93 9.15 -23.51 -3.21
N TRP A 94 9.13 -24.00 -1.98
CA TRP A 94 10.33 -24.50 -1.32
C TRP A 94 10.15 -25.92 -0.86
N LYS A 95 11.26 -26.64 -0.78
CA LYS A 95 11.25 -28.00 -0.24
C LYS A 95 11.83 -27.96 1.16
N ASP A 96 11.36 -28.87 2.01
CA ASP A 96 11.97 -29.07 3.30
C ASP A 96 13.47 -29.16 3.11
N ALA A 97 14.20 -28.68 4.11
CA ALA A 97 15.66 -28.77 4.15
C ALA A 97 16.11 -30.19 4.49
N PHE A 98 15.37 -30.85 5.38
CA PHE A 98 15.79 -32.13 5.99
C PHE A 98 15.09 -33.37 5.42
N ASP A 99 14.19 -33.17 4.46
CA ASP A 99 13.29 -34.21 3.97
C ASP A 99 12.32 -34.64 5.07
N LYS A 100 11.83 -33.65 5.82
CA LYS A 100 10.97 -33.90 7.00
C LYS A 100 9.53 -33.38 6.90
N GLY A 101 8.62 -34.18 7.46
CA GLY A 101 7.24 -33.79 7.72
C GLY A 101 6.78 -34.39 9.04
N SER A 102 5.47 -34.40 9.25
CA SER A 102 4.87 -35.19 10.33
C SER A 102 4.17 -36.44 9.77
N LEU A 103 4.74 -36.98 8.69
CA LEU A 103 4.35 -38.28 8.10
C LEU A 103 5.56 -39.00 7.49
N PHE A 104 5.45 -40.33 7.34
CA PHE A 104 6.58 -41.16 6.88
C PHE A 104 6.78 -41.16 5.35
N GLY A 105 7.28 -40.04 4.83
CA GLY A 105 7.61 -39.88 3.42
C GLY A 105 9.11 -39.89 3.20
N GLY A 106 9.56 -39.10 2.22
CA GLY A 106 10.98 -38.97 1.88
C GLY A 106 11.34 -37.59 1.37
N SER A 107 10.33 -36.72 1.31
CA SER A 107 10.43 -35.30 0.96
C SER A 107 9.04 -34.70 1.14
N VAL A 108 8.96 -33.37 1.23
CA VAL A 108 7.69 -32.65 1.13
C VAL A 108 7.93 -31.21 0.69
N LYS A 109 7.03 -30.74 -0.17
CA LYS A 109 7.07 -29.39 -0.69
C LYS A 109 5.93 -28.58 -0.12
N LEU A 110 6.07 -27.26 -0.21
CA LEU A 110 5.00 -26.34 0.16
C LEU A 110 5.11 -25.10 -0.70
N ALA A 111 4.09 -24.86 -1.50
CA ALA A 111 4.02 -23.67 -2.33
C ALA A 111 3.03 -22.74 -1.66
N LEU A 112 3.46 -21.50 -1.44
CA LEU A 112 2.53 -20.52 -0.92
C LEU A 112 2.58 -19.15 -1.58
N ALA A 113 1.40 -18.54 -1.66
CA ALA A 113 1.21 -17.20 -2.19
C ALA A 113 1.51 -16.13 -1.12
N SER A 114 2.73 -16.12 -0.60
CA SER A 114 3.10 -15.17 0.47
C SER A 114 4.56 -14.79 0.46
N LEU A 115 4.81 -13.48 0.52
CA LEU A 115 6.17 -12.98 0.65
C LEU A 115 6.75 -13.35 1.99
N GLY A 116 5.88 -13.50 2.99
CA GLY A 116 6.30 -13.89 4.33
C GLY A 116 6.95 -15.25 4.35
N TYR A 117 6.44 -16.17 3.53
CA TYR A 117 7.05 -17.49 3.36
C TYR A 117 8.36 -17.34 2.63
N GLU A 118 8.34 -16.67 1.49
CA GLU A 118 9.54 -16.37 0.73
C GLU A 118 10.69 -15.86 1.62
N LYS A 119 10.42 -14.84 2.43
CA LYS A 119 11.47 -14.27 3.28
C LYS A 119 11.95 -15.19 4.43
N SER A 120 11.05 -15.97 5.01
CA SER A 120 11.46 -16.97 6.01
C SER A 120 12.46 -18.00 5.46
N CYS A 121 12.22 -18.45 4.23
CA CYS A 121 13.11 -19.40 3.58
C CYS A 121 14.46 -18.81 3.19
N VAL A 122 14.45 -17.59 2.66
CA VAL A 122 15.69 -16.92 2.28
C VAL A 122 16.59 -16.74 3.53
N LEU A 123 16.01 -16.23 4.62
CA LEU A 123 16.75 -16.08 5.86
C LEU A 123 17.31 -17.41 6.36
N PHE A 124 16.48 -18.47 6.30
CA PHE A 124 16.91 -19.81 6.71
C PHE A 124 18.10 -20.21 5.86
N ASN A 125 18.02 -19.90 4.56
CA ASN A 125 19.15 -20.16 3.67
C ASN A 125 20.38 -19.26 3.96
N CYS A 126 20.12 -18.02 4.42
CA CYS A 126 21.21 -17.13 4.84
C CYS A 126 21.89 -17.73 6.07
N ALA A 127 21.08 -18.18 7.02
CA ALA A 127 21.60 -18.78 8.22
C ALA A 127 22.37 -20.07 7.90
N ALA A 128 21.84 -20.89 7.00
CA ALA A 128 22.43 -22.22 6.74
C ALA A 128 23.76 -22.02 6.07
N LEU A 129 23.79 -21.21 5.03
CA LEU A 129 25.04 -20.91 4.37
C LEU A 129 26.06 -20.34 5.35
N ALA A 130 25.67 -19.35 6.16
CA ALA A 130 26.58 -18.90 7.20
C ALA A 130 27.10 -20.08 8.03
N SER A 131 26.22 -20.97 8.47
CA SER A 131 26.65 -22.11 9.27
C SER A 131 27.71 -22.91 8.55
N GLN A 132 27.54 -23.13 7.26
CA GLN A 132 28.53 -23.82 6.43
C GLN A 132 29.87 -23.08 6.28
N ILE A 133 29.83 -21.75 6.09
CA ILE A 133 31.10 -20.98 6.03
C ILE A 133 31.84 -21.06 7.37
N ALA A 134 31.09 -21.00 8.48
CA ALA A 134 31.69 -21.11 9.81
C ALA A 134 32.35 -22.46 10.06
N ALA A 135 31.70 -23.54 9.65
CA ALA A 135 32.20 -24.89 9.96
C ALA A 135 33.45 -25.23 9.16
N GLU A 136 33.84 -24.34 8.26
CA GLU A 136 34.92 -24.62 7.33
C GLU A 136 36.16 -23.90 7.79
N GLN A 137 35.97 -22.88 8.62
CA GLN A 137 37.08 -22.07 9.10
C GLN A 137 38.23 -22.85 9.68
N ASN A 138 39.45 -22.44 9.35
CA ASN A 138 40.63 -22.96 10.02
C ASN A 138 40.76 -22.34 11.41
N LEU A 139 40.44 -23.14 12.43
CA LEU A 139 40.41 -22.65 13.81
C LEU A 139 41.79 -22.54 14.52
N ASP A 140 42.88 -22.77 13.80
CA ASP A 140 44.21 -22.53 14.34
C ASP A 140 44.62 -21.07 14.13
N ASN A 141 43.73 -20.30 13.53
CA ASN A 141 44.09 -18.99 12.99
C ASN A 141 43.05 -17.99 13.48
N ASP A 142 43.45 -16.72 13.56
CA ASP A 142 42.64 -15.69 14.22
C ASP A 142 41.53 -15.13 13.38
N GLU A 143 41.74 -15.07 12.07
CA GLU A 143 40.66 -14.76 11.16
C GLU A 143 39.64 -15.91 11.12
N GLY A 144 40.14 -17.14 11.24
CA GLY A 144 39.30 -18.35 11.32
C GLY A 144 38.32 -18.29 12.48
N LEU A 145 38.86 -18.14 13.69
CA LEU A 145 38.05 -17.98 14.88
C LEU A 145 37.08 -16.82 14.75
N LYS A 146 37.59 -15.65 14.40
CA LYS A 146 36.78 -14.47 14.25
C LYS A 146 35.61 -14.71 13.29
N ILE A 147 35.80 -15.44 12.19
CA ILE A 147 34.76 -15.60 11.18
C ILE A 147 33.75 -16.70 11.58
N ALA A 148 34.23 -17.72 12.26
CA ALA A 148 33.34 -18.74 12.75
C ALA A 148 32.42 -18.14 13.81
N ALA A 149 33.01 -17.37 14.72
CA ALA A 149 32.28 -16.80 15.86
C ALA A 149 31.23 -15.82 15.39
N LYS A 150 31.54 -15.11 14.30
CA LYS A 150 30.62 -14.12 13.76
C LYS A 150 29.51 -14.82 12.95
N HIS A 151 29.86 -15.78 12.11
CA HIS A 151 28.83 -16.50 11.33
C HIS A 151 27.91 -17.36 12.20
N TYR A 152 28.44 -18.05 13.18
CA TYR A 152 27.56 -18.83 14.07
C TYR A 152 26.59 -17.93 14.79
N GLN A 153 27.08 -16.79 15.30
CA GLN A 153 26.20 -15.84 15.96
C GLN A 153 25.23 -15.23 14.99
N PHE A 154 25.68 -15.04 13.75
CA PHE A 154 24.73 -14.59 12.74
C PHE A 154 23.66 -15.62 12.55
N ALA A 155 24.07 -16.87 12.37
CA ALA A 155 23.16 -17.94 12.09
C ALA A 155 22.19 -18.16 13.22
N SER A 156 22.71 -18.16 14.43
CA SER A 156 21.85 -18.37 15.57
C SER A 156 20.75 -17.34 15.54
N GLY A 157 21.12 -16.09 15.28
CA GLY A 157 20.17 -14.96 15.31
C GLY A 157 19.18 -15.06 14.15
N ALA A 158 19.66 -15.49 12.98
CA ALA A 158 18.77 -15.59 11.82
C ALA A 158 17.72 -16.68 12.09
N PHE A 159 18.17 -17.82 12.60
CA PHE A 159 17.28 -18.86 13.00
C PHE A 159 16.26 -18.42 14.05
N LEU A 160 16.62 -17.48 14.92
CA LEU A 160 15.73 -17.04 16.00
C LEU A 160 14.71 -16.00 15.52
N HIS A 161 15.08 -15.24 14.49
CA HIS A 161 14.20 -14.27 13.95
C HIS A 161 13.13 -15.02 13.20
N ILE A 162 13.52 -16.15 12.59
CA ILE A 162 12.57 -17.08 12.01
C ILE A 162 11.64 -17.65 13.06
N LYS A 163 12.16 -18.18 14.16
CA LYS A 163 11.31 -18.69 15.24
C LYS A 163 10.21 -17.70 15.65
N GLU A 164 10.55 -16.41 15.67
CA GLU A 164 9.63 -15.37 16.14
C GLU A 164 8.78 -14.77 15.00
N THR A 165 9.06 -15.18 13.76
CA THR A 165 8.45 -14.56 12.60
C THR A 165 7.41 -15.49 11.98
N VAL A 166 7.79 -16.76 11.77
CA VAL A 166 7.04 -17.69 10.89
C VAL A 166 5.51 -17.67 10.95
N LEU A 167 4.95 -17.93 12.13
CA LEU A 167 3.50 -18.11 12.26
C LEU A 167 2.67 -16.87 11.91
N SER A 168 3.13 -15.70 12.36
CA SER A 168 2.45 -14.43 12.04
C SER A 168 2.51 -14.07 10.55
N ALA A 169 3.64 -14.37 9.92
CA ALA A 169 3.83 -14.08 8.49
C ALA A 169 3.13 -15.09 7.61
N LEU A 170 3.67 -16.31 7.59
CA LEU A 170 3.10 -17.44 6.86
C LEU A 170 1.77 -17.84 7.50
N SER A 171 0.70 -17.80 6.71
CA SER A 171 -0.64 -18.15 7.17
C SER A 171 -1.03 -19.57 6.70
N ARG A 172 -0.31 -20.56 7.24
CA ARG A 172 -0.46 -21.99 6.91
C ARG A 172 0.34 -22.84 7.91
N GLU A 173 0.42 -24.16 7.69
CA GLU A 173 1.38 -24.93 8.49
C GLU A 173 2.68 -25.06 7.72
N PRO A 174 3.78 -24.51 8.28
CA PRO A 174 5.09 -24.54 7.67
C PRO A 174 5.67 -25.94 7.62
N THR A 175 6.58 -26.16 6.69
CA THR A 175 7.38 -27.37 6.73
C THR A 175 8.16 -27.40 8.05
N VAL A 176 8.57 -28.59 8.44
CA VAL A 176 9.24 -28.85 9.70
C VAL A 176 10.50 -28.00 9.87
N ASP A 177 11.27 -27.89 8.79
CA ASP A 177 12.54 -27.21 8.86
C ASP A 177 12.42 -25.77 9.34
N ILE A 178 11.34 -25.09 8.98
CA ILE A 178 11.14 -23.71 9.46
C ILE A 178 10.18 -23.52 10.62
N SER A 179 9.69 -24.61 11.21
CA SER A 179 8.82 -24.50 12.38
C SER A 179 9.57 -23.90 13.59
N PRO A 180 8.86 -23.14 14.44
CA PRO A 180 9.45 -22.61 15.69
C PRO A 180 10.38 -23.56 16.47
N ASP A 181 9.95 -24.80 16.78
CA ASP A 181 10.81 -25.73 17.54
C ASP A 181 12.13 -26.09 16.85
N THR A 182 12.04 -26.47 15.58
CA THR A 182 13.25 -26.80 14.83
C THR A 182 14.23 -25.63 14.82
N VAL A 183 13.70 -24.48 14.50
CA VAL A 183 14.51 -23.33 14.22
C VAL A 183 15.03 -22.75 15.54
N GLY A 184 14.36 -23.12 16.63
CA GLY A 184 14.77 -22.75 17.97
C GLY A 184 15.89 -23.63 18.45
N THR A 185 15.89 -24.89 18.04
CA THR A 185 17.00 -25.78 18.35
C THR A 185 18.17 -25.43 17.46
N LEU A 186 17.92 -25.06 16.21
CA LEU A 186 19.05 -24.73 15.37
C LEU A 186 19.76 -23.49 15.87
N SER A 187 18.96 -22.53 16.31
CA SER A 187 19.51 -21.33 16.87
C SER A 187 20.42 -21.61 18.05
N LEU A 188 20.03 -22.54 18.90
CA LEU A 188 20.82 -22.83 20.11
C LEU A 188 22.08 -23.62 19.79
N ILE A 189 22.01 -24.49 18.80
CA ILE A 189 23.18 -25.24 18.35
C ILE A 189 24.25 -24.25 17.86
N MET A 190 23.82 -23.29 17.04
CA MET A 190 24.71 -22.28 16.53
C MET A 190 25.30 -21.46 17.69
N LEU A 191 24.49 -21.12 18.69
CA LEU A 191 24.98 -20.35 19.83
C LEU A 191 26.02 -21.18 20.55
N ALA A 192 25.74 -22.48 20.75
CA ALA A 192 26.65 -23.37 21.44
C ALA A 192 27.99 -23.40 20.74
N GLN A 193 27.96 -23.51 19.42
CA GLN A 193 29.15 -23.68 18.63
C GLN A 193 29.96 -22.35 18.63
N ALA A 194 29.26 -21.22 18.71
CA ALA A 194 29.89 -19.95 18.87
C ALA A 194 30.62 -20.04 20.22
N GLN A 195 29.97 -20.48 21.31
CA GLN A 195 30.78 -20.58 22.53
C GLN A 195 31.96 -21.50 22.21
N GLU A 196 31.70 -22.62 21.55
CA GLU A 196 32.79 -23.53 21.45
C GLU A 196 34.05 -22.77 20.98
N VAL A 197 33.86 -22.01 19.89
CA VAL A 197 34.88 -21.16 19.30
C VAL A 197 35.56 -20.20 20.29
N PHE A 198 34.81 -19.28 20.92
CA PHE A 198 35.40 -18.55 22.03
C PHE A 198 36.18 -19.40 23.03
N PHE A 199 35.83 -20.66 23.22
CA PHE A 199 36.64 -21.45 24.15
C PHE A 199 38.01 -21.80 23.52
N LEU A 200 37.97 -21.99 22.21
CA LEU A 200 39.10 -22.40 21.44
C LEU A 200 40.08 -21.16 21.31
N LYS A 201 39.54 -19.97 21.11
CA LYS A 201 40.35 -18.75 21.19
C LYS A 201 41.09 -18.60 22.53
N ALA A 202 40.36 -18.85 23.61
CA ALA A 202 40.92 -18.62 24.93
C ALA A 202 42.00 -19.64 25.17
N THR A 203 41.85 -20.80 24.55
CA THR A 203 42.78 -21.90 24.78
C THR A 203 44.05 -21.56 24.03
N ARG A 204 43.85 -21.21 22.76
CA ARG A 204 44.94 -20.82 21.88
C ARG A 204 45.73 -19.65 22.48
N ASP A 205 45.05 -18.70 23.10
CA ASP A 205 45.77 -17.56 23.72
C ASP A 205 46.31 -17.85 25.09
N LYS A 206 46.16 -19.10 25.57
CA LYS A 206 46.68 -19.53 26.88
C LYS A 206 46.16 -18.67 28.01
N MET A 207 44.85 -18.43 28.01
CA MET A 207 44.23 -17.68 29.08
C MET A 207 44.15 -18.52 30.33
N LYS A 208 43.87 -17.90 31.47
CA LYS A 208 43.76 -18.60 32.74
C LYS A 208 42.80 -19.80 32.71
N ASP A 209 43.17 -20.81 33.46
CA ASP A 209 42.35 -22.01 33.57
C ASP A 209 40.98 -21.68 34.13
N ALA A 210 40.91 -20.66 34.98
CA ALA A 210 39.65 -20.22 35.55
C ALA A 210 38.68 -19.79 34.46
N ILE A 211 39.21 -19.05 33.50
CA ILE A 211 38.43 -18.50 32.39
C ILE A 211 38.06 -19.64 31.49
N ILE A 212 39.03 -20.49 31.20
CA ILE A 212 38.80 -21.51 30.20
C ILE A 212 37.77 -22.52 30.68
N ALA A 213 37.83 -22.88 31.96
CA ALA A 213 36.90 -23.82 32.54
C ALA A 213 35.49 -23.28 32.38
N LYS A 214 35.32 -22.00 32.73
CA LYS A 214 33.99 -21.37 32.70
C LYS A 214 33.40 -21.23 31.30
N LEU A 215 34.25 -21.04 30.30
CA LEU A 215 33.78 -20.89 28.93
C LEU A 215 33.30 -22.26 28.41
N ALA A 216 33.94 -23.29 28.93
CA ALA A 216 33.77 -24.62 28.44
C ALA A 216 32.48 -25.07 29.14
N ASN A 217 32.34 -24.75 30.42
CA ASN A 217 31.13 -25.08 31.12
C ASN A 217 29.91 -24.49 30.46
N GLN A 218 29.97 -23.22 30.15
CA GLN A 218 28.91 -22.55 29.40
C GLN A 218 28.57 -23.23 28.05
N ALA A 219 29.59 -23.64 27.28
CA ALA A 219 29.38 -24.30 26.02
C ALA A 219 28.57 -25.57 26.31
N ALA A 220 28.94 -26.23 27.41
CA ALA A 220 28.37 -27.50 27.80
C ALA A 220 26.91 -27.35 28.14
N ASP A 221 26.58 -26.28 28.86
CA ASP A 221 25.21 -25.90 29.15
C ASP A 221 24.48 -25.76 27.79
N TYR A 222 25.07 -24.99 26.87
CA TYR A 222 24.38 -24.70 25.65
C TYR A 222 24.13 -26.00 24.87
N PHE A 223 25.08 -26.93 24.86
CA PHE A 223 24.94 -28.14 24.04
C PHE A 223 23.94 -29.09 24.72
N GLY A 224 23.95 -29.13 26.04
CA GLY A 224 23.01 -29.89 26.83
C GLY A 224 21.55 -29.56 26.55
N ASP A 225 21.23 -28.28 26.60
CA ASP A 225 19.89 -27.78 26.41
C ASP A 225 19.49 -28.15 24.99
N ALA A 226 20.45 -28.12 24.06
CA ALA A 226 20.14 -28.42 22.66
C ALA A 226 19.91 -29.91 22.50
N PHE A 227 20.72 -30.72 23.18
CA PHE A 227 20.56 -32.15 23.22
C PHE A 227 19.13 -32.50 23.71
N LYS A 228 18.74 -31.92 24.85
CA LYS A 228 17.44 -32.14 25.46
C LYS A 228 16.28 -31.83 24.49
N GLN A 229 16.29 -30.60 23.96
CA GLN A 229 15.37 -30.22 22.92
C GLN A 229 15.31 -31.26 21.82
N CYS A 230 16.42 -31.91 21.50
CA CYS A 230 16.39 -32.98 20.55
C CYS A 230 15.86 -34.33 21.03
N GLN A 231 15.74 -34.52 22.34
CA GLN A 231 15.52 -35.88 22.80
C GLN A 231 14.13 -36.46 22.48
N TYR A 232 13.09 -35.63 22.55
CA TYR A 232 11.78 -36.11 22.09
C TYR A 232 11.17 -35.31 20.93
N LYS A 233 11.91 -35.25 19.84
CA LYS A 233 11.51 -34.69 18.54
C LYS A 233 12.69 -34.99 17.62
N ASP A 234 12.51 -35.93 16.70
CA ASP A 234 13.55 -36.24 15.71
C ASP A 234 13.25 -35.49 14.42
N THR A 235 13.65 -34.22 14.38
CA THR A 235 13.32 -33.34 13.27
C THR A 235 14.55 -32.81 12.55
N LEU A 236 15.74 -33.20 13.02
CA LEU A 236 16.99 -32.83 12.39
C LEU A 236 17.69 -34.01 11.75
N PRO A 237 18.62 -33.77 10.82
CA PRO A 237 19.32 -34.91 10.23
C PRO A 237 19.87 -35.80 11.33
N LYS A 238 19.96 -37.11 11.05
CA LYS A 238 20.33 -38.12 12.04
C LYS A 238 21.66 -37.90 12.79
N GLU A 239 22.58 -37.13 12.20
CA GLU A 239 23.92 -36.92 12.76
C GLU A 239 23.93 -35.79 13.79
N VAL A 240 22.91 -34.94 13.77
CA VAL A 240 22.87 -33.88 14.75
C VAL A 240 22.88 -34.47 16.16
N PHE A 241 22.09 -35.50 16.38
CA PHE A 241 21.84 -36.03 17.72
C PHE A 241 23.10 -36.59 18.42
N PRO A 242 23.75 -37.60 17.83
CA PRO A 242 25.00 -38.04 18.45
C PRO A 242 26.02 -36.91 18.65
N VAL A 243 26.22 -36.08 17.64
CA VAL A 243 27.20 -34.99 17.74
C VAL A 243 26.88 -34.00 18.88
N LEU A 244 25.61 -33.70 19.13
CA LEU A 244 25.36 -32.86 20.28
C LEU A 244 25.78 -33.62 21.51
N ALA A 245 25.52 -34.92 21.54
CA ALA A 245 25.83 -35.67 22.78
C ALA A 245 27.34 -35.62 23.05
N ALA A 246 28.14 -35.97 22.05
CA ALA A 246 29.59 -35.94 22.23
C ALA A 246 30.10 -34.54 22.60
N LYS A 247 29.62 -33.50 21.90
CA LYS A 247 30.11 -32.16 22.21
C LYS A 247 29.73 -31.71 23.62
N HIS A 248 28.53 -32.03 24.08
CA HIS A 248 28.19 -31.82 25.47
C HIS A 248 29.23 -32.45 26.40
N CYS A 249 29.45 -33.77 26.24
CA CYS A 249 30.44 -34.47 27.05
C CYS A 249 31.86 -33.89 26.97
N ILE A 250 32.34 -33.66 25.74
CA ILE A 250 33.69 -33.09 25.54
C ILE A 250 33.79 -31.78 26.27
N MET A 251 32.73 -30.98 26.17
CA MET A 251 32.71 -29.71 26.87
C MET A 251 32.75 -29.87 28.37
N GLN A 252 31.99 -30.84 28.90
CA GLN A 252 32.08 -31.09 30.34
C GLN A 252 33.49 -31.49 30.78
N ALA A 253 34.14 -32.33 29.97
CA ALA A 253 35.45 -32.88 30.29
C ALA A 253 36.50 -31.75 30.20
N ASN A 254 36.40 -30.94 29.16
CA ASN A 254 37.20 -29.73 29.14
C ASN A 254 36.97 -28.86 30.33
N ALA A 255 35.74 -28.73 30.77
CA ALA A 255 35.52 -27.88 31.95
C ALA A 255 36.25 -28.45 33.16
N GLU A 256 36.28 -29.77 33.30
CA GLU A 256 36.76 -30.38 34.52
C GLU A 256 38.27 -30.39 34.55
N TYR A 257 38.87 -30.59 33.38
CA TYR A 257 40.30 -30.64 33.26
C TYR A 257 40.89 -29.23 33.65
N HIS A 258 40.27 -28.17 33.15
CA HIS A 258 40.68 -26.85 33.58
C HIS A 258 40.41 -26.56 35.03
N GLN A 259 39.31 -27.08 35.56
CA GLN A 259 38.99 -26.71 36.93
C GLN A 259 39.96 -27.49 37.77
N SER A 260 40.46 -28.60 37.23
CA SER A 260 41.34 -29.45 38.00
C SER A 260 42.74 -28.88 38.11
N ILE A 261 43.21 -28.16 37.08
CA ILE A 261 44.48 -27.45 37.19
C ILE A 261 44.38 -26.34 38.21
N LEU A 262 43.21 -25.76 38.32
CA LEU A 262 43.05 -24.66 39.24
C LEU A 262 43.17 -25.21 40.66
N ALA A 263 42.51 -26.34 40.94
CA ALA A 263 42.58 -27.00 42.26
C ALA A 263 44.01 -27.43 42.70
N LYS A 264 44.74 -28.02 41.76
CA LYS A 264 46.16 -28.31 41.91
C LYS A 264 46.90 -26.99 42.29
N GLN A 265 46.61 -25.89 41.60
CA GLN A 265 47.18 -24.63 42.02
C GLN A 265 46.81 -24.21 43.44
N GLN A 266 45.66 -24.64 43.92
CA GLN A 266 45.25 -24.30 45.29
C GLN A 266 45.53 -25.41 46.28
N TYR A 267 46.22 -26.46 45.80
CA TYR A 267 46.56 -27.65 46.62
C TYR A 267 45.35 -28.45 47.12
N TYR A 268 44.28 -28.49 46.33
CA TYR A 268 43.21 -29.41 46.61
C TYR A 268 43.49 -30.66 45.78
N PHE A 269 44.32 -31.55 46.28
CA PHE A 269 44.75 -32.71 45.49
C PHE A 269 43.67 -33.79 45.27
N GLY A 270 42.87 -34.07 46.30
CA GLY A 270 41.75 -35.00 46.16
C GLY A 270 40.78 -34.52 45.10
N GLU A 271 40.49 -33.22 45.12
CA GLU A 271 39.62 -32.61 44.14
C GLU A 271 40.16 -32.77 42.71
N GLU A 272 41.44 -32.48 42.53
CA GLU A 272 42.06 -32.55 41.23
C GLU A 272 41.83 -33.93 40.66
N ILE A 273 42.08 -34.94 41.50
CA ILE A 273 41.90 -36.30 41.06
C ILE A 273 40.43 -36.60 40.73
N ALA A 274 39.52 -36.14 41.59
CA ALA A 274 38.10 -36.35 41.37
C ALA A 274 37.64 -35.71 40.06
N ARG A 275 38.18 -34.54 39.72
CA ARG A 275 37.74 -33.91 38.49
C ARG A 275 38.36 -34.56 37.25
N LEU A 276 39.66 -34.87 37.36
CA LEU A 276 40.37 -35.66 36.36
C LEU A 276 39.63 -37.00 36.13
N GLN A 277 39.17 -37.64 37.20
CA GLN A 277 38.51 -38.94 37.03
C GLN A 277 37.20 -38.83 36.27
N HIS A 278 36.41 -37.83 36.61
CA HIS A 278 35.24 -37.49 35.83
C HIS A 278 35.55 -37.16 34.35
N ALA A 279 36.53 -36.28 34.06
CA ALA A 279 36.95 -36.07 32.66
C ALA A 279 37.33 -37.36 31.94
N ALA A 280 38.03 -38.28 32.61
CA ALA A 280 38.51 -39.47 31.90
C ALA A 280 37.32 -40.30 31.44
N GLU A 281 36.32 -40.38 32.30
CA GLU A 281 35.08 -41.09 32.08
C GLU A 281 34.32 -40.56 30.89
N LEU A 282 33.88 -39.30 30.98
CA LEU A 282 33.30 -38.62 29.81
C LEU A 282 34.07 -38.87 28.51
N ILE A 283 35.40 -38.86 28.53
CA ILE A 283 36.10 -39.02 27.28
C ILE A 283 36.17 -40.46 26.87
N LYS A 284 36.39 -41.33 27.82
CA LYS A 284 36.31 -42.76 27.56
C LYS A 284 34.99 -43.06 26.86
N THR A 285 33.88 -42.57 27.42
CA THR A 285 32.57 -42.89 26.86
C THR A 285 32.43 -42.29 25.49
N VAL A 286 32.70 -41.02 25.37
CA VAL A 286 32.73 -40.39 24.03
C VAL A 286 33.52 -41.18 22.98
N ALA A 287 34.77 -41.53 23.30
CA ALA A 287 35.61 -42.22 22.32
C ALA A 287 34.95 -43.49 21.83
N SER A 288 34.28 -44.23 22.73
CA SER A 288 33.83 -45.53 22.30
C SER A 288 32.47 -45.52 21.64
N ARG A 289 31.63 -44.56 22.00
CA ARG A 289 30.26 -44.50 21.50
C ARG A 289 30.12 -43.51 20.34
N TYR A 290 30.99 -42.51 20.27
CA TYR A 290 30.87 -41.51 19.19
C TYR A 290 32.14 -41.32 18.33
N ASP A 291 32.97 -42.37 18.25
CA ASP A 291 34.17 -42.42 17.38
C ASP A 291 33.92 -41.86 16.01
N GLU A 292 32.91 -42.42 15.35
CA GLU A 292 32.46 -41.91 14.08
C GLU A 292 32.55 -40.39 13.97
N TYR A 293 32.08 -39.68 15.00
CA TYR A 293 31.85 -38.26 14.82
C TYR A 293 32.90 -37.38 15.50
N VAL A 294 33.82 -37.97 16.26
CA VAL A 294 34.83 -37.15 16.97
C VAL A 294 36.23 -37.77 16.94
N ASN A 295 37.24 -36.91 17.12
CA ASN A 295 38.54 -37.41 17.59
C ASN A 295 39.02 -36.74 18.87
N VAL A 296 39.31 -37.57 19.85
CA VAL A 296 39.39 -37.13 21.22
C VAL A 296 40.68 -37.61 21.88
N LYS A 297 41.55 -38.21 21.06
CA LYS A 297 42.81 -38.82 21.51
C LYS A 297 43.77 -37.92 22.28
N ASP A 298 44.19 -36.82 21.65
CA ASP A 298 45.14 -35.93 22.31
C ASP A 298 44.62 -35.56 23.68
N PHE A 299 43.38 -35.11 23.73
CA PHE A 299 42.72 -34.78 24.98
C PHE A 299 42.78 -35.90 26.02
N SER A 300 42.53 -37.13 25.57
CA SER A 300 42.47 -38.30 26.42
C SER A 300 43.85 -38.61 26.97
N ASP A 301 44.85 -38.60 26.10
CA ASP A 301 46.27 -38.74 26.50
C ASP A 301 46.66 -37.68 27.54
N LYS A 302 46.32 -36.43 27.28
CA LYS A 302 46.60 -35.37 28.23
C LYS A 302 45.85 -35.57 29.58
N ILE A 303 44.55 -35.85 29.56
CA ILE A 303 43.86 -36.25 30.81
C ILE A 303 44.62 -37.37 31.51
N ASN A 304 44.91 -38.47 30.82
CA ASN A 304 45.58 -39.60 31.51
C ASN A 304 46.91 -39.25 32.14
N ARG A 305 47.70 -38.43 31.45
CA ARG A 305 48.99 -37.98 31.94
C ARG A 305 48.85 -37.21 33.22
N ALA A 306 47.91 -36.25 33.23
CA ALA A 306 47.57 -35.48 34.42
C ALA A 306 47.05 -36.36 35.53
N LEU A 307 46.34 -37.42 35.19
CA LEU A 307 45.74 -38.22 36.23
C LEU A 307 46.77 -39.11 36.91
N ALA A 308 47.69 -39.68 36.13
CA ALA A 308 48.68 -40.60 36.69
C ALA A 308 49.59 -39.80 37.60
N ALA A 309 50.10 -38.69 37.07
CA ALA A 309 50.91 -37.77 37.85
C ALA A 309 50.19 -37.31 39.10
N ALA A 310 48.91 -36.97 39.03
CA ALA A 310 48.28 -36.47 40.25
C ALA A 310 48.15 -37.56 41.31
N LYS A 311 47.74 -38.77 40.89
CA LYS A 311 47.65 -39.97 41.73
C LYS A 311 49.00 -40.45 42.35
N LYS A 312 50.08 -40.34 41.57
CA LYS A 312 51.45 -40.61 42.05
C LYS A 312 51.77 -39.65 43.21
N ASP A 313 51.81 -38.36 42.91
CA ASP A 313 52.00 -37.31 43.90
C ASP A 313 51.11 -37.46 45.11
N ASN A 314 49.92 -38.01 44.96
CA ASN A 314 48.99 -38.07 46.07
C ASN A 314 49.30 -39.27 46.91
N ASP A 315 49.41 -40.42 46.25
CA ASP A 315 49.53 -41.72 46.92
C ASP A 315 50.77 -41.76 47.76
N PHE A 316 51.85 -41.22 47.21
CA PHE A 316 53.12 -41.18 47.93
C PHE A 316 53.20 -39.97 48.85
N ILE A 317 53.04 -38.77 48.31
CA ILE A 317 53.34 -37.59 49.11
C ILE A 317 52.14 -37.04 49.88
N TYR A 318 51.21 -36.41 49.18
CA TYR A 318 50.15 -35.58 49.78
C TYR A 318 49.09 -36.28 50.64
N HIS A 319 48.74 -37.52 50.28
CA HIS A 319 47.72 -38.30 50.98
C HIS A 319 46.38 -37.62 51.16
N ASP A 320 45.98 -36.81 50.19
CA ASP A 320 44.66 -36.16 50.13
C ASP A 320 43.54 -37.18 49.72
N ARG A 321 42.42 -37.09 50.45
CA ARG A 321 41.21 -37.87 50.22
C ARG A 321 40.48 -37.39 48.96
N VAL A 322 40.03 -38.33 48.13
CA VAL A 322 39.31 -38.01 46.89
C VAL A 322 37.79 -38.00 47.07
N PRO A 323 37.17 -36.80 46.96
CA PRO A 323 35.72 -36.67 47.22
C PRO A 323 34.86 -37.33 46.16
N ASP A 324 33.59 -37.56 46.49
CA ASP A 324 32.59 -37.94 45.52
C ASP A 324 32.21 -36.66 44.75
N LEU A 325 31.81 -36.81 43.48
CA LEU A 325 31.47 -35.65 42.62
C LEU A 325 30.36 -34.75 43.19
N LYS A 326 29.38 -35.38 43.87
CA LYS A 326 28.21 -34.69 44.40
C LYS A 326 28.61 -33.59 45.38
N ASP A 327 29.74 -33.79 46.06
CA ASP A 327 30.23 -32.82 47.04
C ASP A 327 31.10 -31.70 46.45
N LEU A 328 31.38 -31.77 45.15
CA LEU A 328 32.12 -30.70 44.49
C LEU A 328 31.26 -29.48 44.19
N ASP A 329 31.82 -28.31 44.45
CA ASP A 329 31.20 -27.05 44.06
C ASP A 329 30.99 -26.94 42.52
N PRO A 330 29.86 -26.34 42.11
CA PRO A 330 29.55 -26.17 40.69
C PRO A 330 30.63 -25.34 40.02
N ILE A 331 31.05 -25.73 38.82
CA ILE A 331 31.94 -24.89 38.05
C ILE A 331 31.01 -23.75 37.56
N GLY A 332 31.51 -22.51 37.55
CA GLY A 332 30.66 -21.43 37.03
C GLY A 332 30.50 -21.48 35.52
N LYS A 333 29.86 -20.46 34.97
CA LYS A 333 29.58 -20.37 33.53
C LYS A 333 29.90 -18.94 33.06
N ALA A 334 30.42 -18.77 31.84
CA ALA A 334 30.58 -17.45 31.28
C ALA A 334 30.25 -17.49 29.80
N THR A 335 29.15 -16.87 29.39
CA THR A 335 28.92 -16.66 27.96
C THR A 335 29.62 -15.40 27.41
N LEU A 336 30.01 -15.43 26.15
CA LEU A 336 30.85 -14.43 25.57
C LEU A 336 30.18 -14.14 24.22
N VAL A 337 28.93 -14.62 24.12
CA VAL A 337 28.25 -14.84 22.85
C VAL A 337 26.74 -14.47 22.81
N LYS A 338 26.28 -13.96 21.68
CA LYS A 338 24.86 -13.57 21.58
C LYS A 338 24.32 -13.89 20.22
N SER A 339 23.04 -14.23 20.18
CA SER A 339 22.28 -14.25 18.93
C SER A 339 22.28 -12.88 18.29
N THR A 340 22.68 -12.80 17.04
CA THR A 340 22.72 -11.52 16.37
C THR A 340 21.30 -11.14 15.97
N PRO A 341 20.85 -9.94 16.40
CA PRO A 341 19.54 -9.46 15.93
C PRO A 341 19.57 -9.29 14.43
N VAL A 342 18.46 -9.56 13.78
CA VAL A 342 18.27 -9.32 12.34
C VAL A 342 17.58 -7.96 12.13
N ASN A 343 18.28 -7.04 11.48
CA ASN A 343 17.81 -5.68 11.20
C ASN A 343 18.27 -5.32 9.81
N VAL A 344 17.39 -5.32 8.82
CA VAL A 344 17.82 -4.95 7.47
C VAL A 344 18.34 -3.50 7.48
N PRO A 345 19.41 -3.23 6.70
CA PRO A 345 20.03 -4.15 5.78
C PRO A 345 20.99 -5.12 6.47
N ILE A 346 20.87 -6.41 6.20
CA ILE A 346 21.86 -7.38 6.70
C ILE A 346 23.03 -7.56 5.72
N SER A 347 23.01 -6.85 4.60
CA SER A 347 24.07 -6.98 3.60
C SER A 347 24.96 -5.75 3.55
N GLN A 348 26.22 -5.94 3.16
CA GLN A 348 27.11 -4.83 2.86
C GLN A 348 26.56 -4.00 1.69
N LYS A 349 26.88 -2.72 1.70
CA LYS A 349 26.65 -1.79 0.58
C LYS A 349 25.23 -1.73 0.03
N PHE A 350 24.23 -1.93 0.88
CA PHE A 350 22.86 -2.07 0.38
C PHE A 350 22.20 -0.79 -0.14
N THR A 351 21.58 -0.90 -1.32
CA THR A 351 20.72 0.16 -1.83
C THR A 351 19.38 -0.41 -2.32
N ASP A 352 18.28 0.20 -1.89
CA ASP A 352 16.96 -0.28 -2.26
C ASP A 352 16.57 0.20 -3.65
N LEU A 353 16.72 -0.70 -4.63
CA LEU A 353 16.33 -0.46 -6.01
C LEU A 353 14.99 0.28 -6.16
N PHE A 354 13.99 -0.15 -5.37
CA PHE A 354 12.66 0.47 -5.41
C PHE A 354 12.42 1.49 -4.29
N GLU A 355 13.50 2.09 -3.74
CA GLU A 355 13.35 3.11 -2.70
C GLU A 355 12.39 4.23 -3.11
N LYS A 356 12.45 4.64 -4.38
CA LYS A 356 11.63 5.73 -4.90
C LYS A 356 10.12 5.46 -4.89
N MET A 357 9.73 4.19 -5.07
CA MET A 357 8.33 3.79 -5.08
C MET A 357 7.62 4.15 -3.78
N VAL A 358 6.42 4.69 -3.90
CA VAL A 358 5.65 5.17 -2.76
C VAL A 358 4.90 4.00 -2.13
N PRO A 359 4.97 3.90 -0.79
CA PRO A 359 4.21 2.87 -0.08
C PRO A 359 2.71 2.86 -0.38
N VAL A 360 2.19 1.67 -0.68
CA VAL A 360 0.76 1.41 -0.81
C VAL A 360 -0.09 1.99 0.33
N SER A 361 0.49 2.00 1.53
CA SER A 361 -0.13 2.55 2.75
C SER A 361 -0.50 4.03 2.62
N VAL A 362 0.15 4.64 1.57
CA VAL A 362 -0.02 6.05 1.25
C VAL A 362 -0.96 6.24 0.04
N GLN A 363 -0.76 5.47 -1.03
CA GLN A 363 -1.66 5.47 -2.18
C GLN A 363 -3.10 5.38 -1.75
N GLN A 364 -3.43 4.31 -1.04
CA GLN A 364 -4.78 4.12 -0.52
C GLN A 364 -5.20 5.32 0.35
N SER A 365 -4.31 5.81 1.21
CA SER A 365 -4.56 7.04 1.99
C SER A 365 -4.76 8.31 1.13
N LEU A 366 -4.02 8.40 0.02
CA LEU A 366 -4.02 9.56 -0.85
C LEU A 366 -5.27 9.57 -1.71
N ALA A 367 -5.62 8.40 -2.25
CA ALA A 367 -6.83 8.26 -3.06
C ALA A 367 -8.09 8.40 -2.21
N ALA A 368 -8.06 7.91 -0.97
CA ALA A 368 -9.22 8.01 -0.09
C ALA A 368 -9.38 9.41 0.53
N TYR A 369 -8.31 10.20 0.54
CA TYR A 369 -8.37 11.62 0.91
C TYR A 369 -9.19 12.40 -0.12
N ASN A 370 -8.91 12.15 -1.40
CA ASN A 370 -9.66 12.73 -2.51
C ASN A 370 -11.16 12.58 -2.40
N GLN A 371 -11.61 11.34 -2.22
CA GLN A 371 -13.04 11.03 -2.11
C GLN A 371 -13.73 11.66 -0.87
N ARG A 372 -12.93 12.22 0.05
CA ARG A 372 -13.46 13.03 1.17
C ARG A 372 -13.39 14.53 0.88
N LYS A 373 -12.41 14.92 0.08
CA LYS A 373 -12.28 16.29 -0.41
C LYS A 373 -13.41 16.56 -1.38
N ALA A 374 -13.50 15.71 -2.41
CA ALA A 374 -14.58 15.76 -3.39
C ALA A 374 -15.93 15.87 -2.69
N ASP A 375 -16.26 14.89 -1.85
CA ASP A 375 -17.51 14.90 -1.06
C ASP A 375 -17.77 16.21 -0.30
N LEU A 376 -16.71 16.84 0.20
CA LEU A 376 -16.86 18.12 0.89
C LEU A 376 -17.06 19.29 -0.08
N VAL A 377 -16.28 19.34 -1.17
CA VAL A 377 -16.32 20.48 -2.09
C VAL A 377 -17.57 20.51 -3.00
N ASN A 378 -17.83 19.41 -3.70
CA ASN A 378 -19.02 19.28 -4.50
C ASN A 378 -20.29 19.54 -3.69
N ARG A 379 -20.42 18.79 -2.60
CA ARG A 379 -21.48 18.96 -1.61
C ARG A 379 -21.78 20.45 -1.41
N SER A 380 -20.75 21.21 -1.05
CA SER A 380 -20.88 22.64 -0.78
C SER A 380 -21.24 23.47 -2.01
N ILE A 381 -20.73 23.10 -3.18
CA ILE A 381 -21.07 23.77 -4.43
C ILE A 381 -22.56 23.58 -4.65
N ALA A 382 -22.97 22.31 -4.64
CA ALA A 382 -24.36 21.94 -4.89
C ALA A 382 -25.30 22.67 -3.96
N GLN A 383 -25.00 22.73 -2.67
CA GLN A 383 -25.88 23.45 -1.75
C GLN A 383 -26.11 24.86 -2.23
N MET A 384 -25.01 25.53 -2.59
CA MET A 384 -25.03 26.93 -3.02
C MET A 384 -25.80 27.21 -4.34
N ARG A 385 -25.60 26.38 -5.35
CA ARG A 385 -26.38 26.48 -6.58
C ARG A 385 -27.86 26.24 -6.29
N GLU A 386 -28.15 25.11 -5.65
CA GLU A 386 -29.52 24.83 -5.18
C GLU A 386 -30.12 26.02 -4.42
N ALA A 387 -29.33 26.75 -3.64
CA ALA A 387 -29.87 27.95 -3.00
C ALA A 387 -30.08 29.12 -3.97
N THR A 388 -29.12 29.41 -4.83
CA THR A 388 -29.28 30.52 -5.78
C THR A 388 -30.47 30.26 -6.72
N THR A 389 -30.56 29.04 -7.25
CA THR A 389 -31.73 28.64 -8.02
C THR A 389 -33.02 29.00 -7.27
N LEU A 390 -33.12 28.60 -6.01
CA LEU A 390 -34.35 28.82 -5.26
C LEU A 390 -34.67 30.31 -5.02
N ALA A 391 -33.68 31.10 -4.63
CA ALA A 391 -33.84 32.56 -4.48
C ALA A 391 -34.30 33.28 -5.77
N ASN A 392 -33.56 33.08 -6.87
CA ASN A 392 -33.95 33.62 -8.18
C ASN A 392 -35.38 33.28 -8.61
N GLY A 393 -35.79 32.04 -8.36
CA GLY A 393 -37.15 31.61 -8.60
C GLY A 393 -38.16 32.32 -7.72
N VAL A 394 -37.86 32.46 -6.44
CA VAL A 394 -38.79 33.15 -5.55
C VAL A 394 -38.89 34.63 -5.98
N LEU A 395 -37.76 35.30 -6.17
CA LEU A 395 -37.73 36.67 -6.71
C LEU A 395 -38.59 36.91 -7.95
N ALA A 396 -38.52 35.97 -8.89
CA ALA A 396 -39.27 36.04 -10.14
C ALA A 396 -40.75 35.97 -9.82
N SER A 397 -41.13 34.95 -9.06
CA SER A 397 -42.53 34.73 -8.68
C SER A 397 -43.14 35.92 -7.93
N LEU A 398 -42.33 36.92 -7.58
CA LEU A 398 -42.87 38.11 -6.93
C LEU A 398 -42.46 39.38 -7.65
N ASN A 399 -42.15 39.25 -8.93
CA ASN A 399 -41.76 40.39 -9.80
C ASN A 399 -40.70 41.33 -9.21
N LEU A 400 -39.69 40.75 -8.57
CA LEU A 400 -38.63 41.53 -7.90
C LEU A 400 -37.28 41.15 -8.45
N PRO A 401 -36.39 42.14 -8.64
CA PRO A 401 -36.51 43.57 -8.31
C PRO A 401 -37.28 44.43 -9.31
N ALA A 402 -37.97 43.82 -10.26
CA ALA A 402 -38.59 44.63 -11.32
C ALA A 402 -39.62 45.63 -10.78
N ALA A 403 -40.56 45.10 -10.00
CA ALA A 403 -41.70 45.87 -9.52
C ALA A 403 -41.29 47.22 -8.89
N ILE A 404 -40.15 47.27 -8.21
CA ILE A 404 -39.74 48.54 -7.54
C ILE A 404 -38.89 49.50 -8.38
N GLU A 405 -38.44 49.08 -9.56
CA GLU A 405 -37.74 49.98 -10.48
C GLU A 405 -38.72 50.44 -11.55
N ASP A 406 -40.01 50.26 -11.28
CA ASP A 406 -41.05 50.35 -12.31
C ASP A 406 -41.86 51.63 -12.14
N VAL A 407 -41.20 52.75 -12.48
CA VAL A 407 -41.69 54.09 -12.22
C VAL A 407 -43.08 54.32 -12.77
N SER A 408 -43.21 54.27 -14.10
CA SER A 408 -44.55 54.21 -14.69
C SER A 408 -44.79 52.75 -15.03
N GLY A 409 -45.53 52.51 -16.11
CA GLY A 409 -45.52 51.23 -16.77
C GLY A 409 -45.06 51.48 -18.19
N ASP A 410 -44.04 52.31 -18.36
CA ASP A 410 -43.79 52.95 -19.64
C ASP A 410 -42.47 52.52 -20.28
N THR A 411 -41.50 52.14 -19.45
CA THR A 411 -40.13 51.92 -19.90
C THR A 411 -39.72 50.50 -19.57
N VAL A 412 -38.48 50.15 -19.89
CA VAL A 412 -37.92 48.87 -19.46
C VAL A 412 -37.24 49.00 -18.08
N PRO A 413 -37.85 48.42 -17.03
CA PRO A 413 -37.19 48.46 -15.72
C PRO A 413 -35.71 48.13 -15.84
N GLN A 414 -34.88 48.95 -15.17
CA GLN A 414 -33.41 48.90 -15.25
C GLN A 414 -32.82 47.49 -15.16
N SER A 415 -33.29 46.72 -14.18
CA SER A 415 -32.86 45.34 -13.96
C SER A 415 -33.09 44.48 -15.19
N ILE A 416 -34.30 44.51 -15.73
CA ILE A 416 -34.61 43.77 -16.96
C ILE A 416 -33.68 44.21 -18.10
N LEU A 417 -33.50 45.52 -18.24
CA LEU A 417 -32.58 46.08 -19.22
C LEU A 417 -31.13 45.60 -18.99
N THR A 418 -30.71 45.48 -17.73
CA THR A 418 -29.37 44.97 -17.44
C THR A 418 -29.26 43.51 -17.88
N LYS A 419 -30.20 42.69 -17.42
CA LYS A 419 -30.26 41.29 -17.80
C LYS A 419 -30.33 41.08 -19.32
N SER A 420 -31.10 41.91 -20.01
CA SER A 420 -31.18 41.84 -21.48
C SER A 420 -29.85 42.06 -22.15
N ARG A 421 -29.20 43.18 -21.83
CA ARG A 421 -27.91 43.53 -22.42
C ARG A 421 -26.87 42.48 -22.06
N SER A 422 -27.04 41.89 -20.87
CA SER A 422 -26.22 40.78 -20.44
C SER A 422 -26.42 39.58 -21.38
N VAL A 423 -27.67 39.27 -21.72
CA VAL A 423 -27.98 38.17 -22.63
C VAL A 423 -27.40 38.42 -24.03
N ILE A 424 -27.61 39.63 -24.52
CA ILE A 424 -27.18 40.05 -25.87
C ILE A 424 -25.67 39.99 -26.05
N GLU A 425 -24.95 40.30 -24.98
CA GLU A 425 -23.49 40.35 -24.99
C GLU A 425 -22.90 38.94 -25.10
N GLN A 426 -23.42 38.03 -24.27
CA GLN A 426 -23.05 36.60 -24.27
C GLN A 426 -23.43 35.92 -25.59
N GLY A 427 -23.86 36.72 -26.56
CA GLY A 427 -24.19 36.26 -27.91
C GLY A 427 -25.68 36.19 -28.20
N GLY A 428 -26.51 36.30 -27.16
CA GLY A 428 -27.96 36.16 -27.34
C GLY A 428 -28.38 34.73 -27.66
N ILE A 429 -29.47 34.60 -28.41
CA ILE A 429 -30.11 33.32 -28.74
C ILE A 429 -29.28 32.45 -29.67
N GLN A 430 -28.42 33.07 -30.46
CA GLN A 430 -27.57 32.33 -31.38
C GLN A 430 -26.65 31.41 -30.59
N THR A 431 -26.17 31.89 -29.44
CA THR A 431 -25.25 31.08 -28.66
C THR A 431 -25.91 29.85 -28.05
N VAL A 432 -27.19 29.96 -27.66
CA VAL A 432 -27.96 28.77 -27.26
C VAL A 432 -28.37 27.90 -28.45
N ASP A 433 -28.77 28.53 -29.55
CA ASP A 433 -29.19 27.80 -30.76
C ASP A 433 -28.04 27.00 -31.38
N GLN A 434 -26.83 27.58 -31.37
CA GLN A 434 -25.68 26.89 -31.96
C GLN A 434 -25.22 25.71 -31.11
N LEU A 435 -25.32 25.83 -29.79
CA LEU A 435 -25.00 24.73 -28.89
C LEU A 435 -26.03 23.58 -28.91
N ILE A 436 -27.31 23.90 -29.13
CA ILE A 436 -28.34 22.87 -29.34
C ILE A 436 -28.09 22.05 -30.62
N LYS A 437 -27.68 22.79 -31.65
CA LYS A 437 -27.46 22.28 -33.00
C LYS A 437 -26.32 21.26 -33.05
N GLU A 438 -25.26 21.50 -32.29
CA GLU A 438 -24.03 20.70 -32.35
C GLU A 438 -24.05 19.53 -31.38
N LEU A 439 -25.08 19.48 -30.55
CA LEU A 439 -25.18 18.49 -29.51
C LEU A 439 -25.50 17.12 -30.08
N PRO A 440 -26.45 17.05 -31.02
CA PRO A 440 -26.67 15.76 -31.67
C PRO A 440 -25.43 15.25 -32.41
N GLU A 441 -24.58 16.16 -32.85
CA GLU A 441 -23.37 15.82 -33.59
C GLU A 441 -22.25 15.29 -32.71
N LEU A 442 -22.08 15.86 -31.51
CA LEU A 442 -21.15 15.31 -30.52
C LEU A 442 -21.64 13.96 -29.99
N LEU A 443 -22.95 13.80 -29.84
CA LEU A 443 -23.49 12.49 -29.53
C LEU A 443 -23.09 11.48 -30.61
N GLN A 444 -23.27 11.88 -31.88
CA GLN A 444 -23.11 10.96 -32.97
C GLN A 444 -21.65 10.60 -33.17
N ARG A 445 -20.78 11.55 -32.90
CA ARG A 445 -19.34 11.36 -33.03
C ARG A 445 -18.84 10.31 -32.06
N ASN A 446 -19.40 10.31 -30.86
CA ASN A 446 -19.05 9.32 -29.86
C ASN A 446 -19.64 7.95 -30.12
N ARG A 447 -20.82 7.89 -30.73
CA ARG A 447 -21.38 6.59 -31.07
C ARG A 447 -20.52 5.95 -32.14
N GLU A 448 -20.14 6.74 -33.14
CA GLU A 448 -19.31 6.26 -34.21
C GLU A 448 -18.09 5.53 -33.64
N ILE A 449 -17.43 6.13 -32.66
CA ILE A 449 -16.19 5.58 -32.15
C ILE A 449 -16.43 4.27 -31.41
N LEU A 450 -17.43 4.24 -30.54
CA LEU A 450 -17.75 3.06 -29.80
C LEU A 450 -17.99 1.91 -30.78
N ASP A 451 -18.82 2.18 -31.80
CA ASP A 451 -19.14 1.16 -32.81
C ASP A 451 -17.97 0.76 -33.71
N GLU A 452 -17.22 1.72 -34.23
CA GLU A 452 -16.07 1.36 -35.07
C GLU A 452 -15.18 0.39 -34.30
N SER A 453 -15.07 0.62 -32.98
CA SER A 453 -14.20 -0.16 -32.12
C SER A 453 -14.65 -1.60 -31.94
N LEU A 454 -15.88 -1.76 -31.50
CA LEU A 454 -16.41 -3.07 -31.21
C LEU A 454 -16.52 -3.93 -32.48
N ARG A 455 -16.84 -3.29 -33.60
CA ARG A 455 -16.84 -3.95 -34.91
C ARG A 455 -15.45 -4.52 -35.29
N LEU A 456 -14.37 -3.80 -34.97
CA LEU A 456 -13.01 -4.36 -35.06
C LEU A 456 -12.96 -5.70 -34.34
N LEU A 457 -13.47 -5.73 -33.12
CA LEU A 457 -13.44 -6.93 -32.31
C LEU A 457 -14.30 -8.02 -32.96
N ASP A 458 -15.48 -7.64 -33.42
CA ASP A 458 -16.35 -8.55 -34.13
C ASP A 458 -15.69 -9.16 -35.36
N GLU A 459 -15.19 -8.31 -36.26
CA GLU A 459 -14.53 -8.79 -37.49
C GLU A 459 -13.38 -9.76 -37.21
N GLU A 460 -12.50 -9.39 -36.28
CA GLU A 460 -11.39 -10.24 -35.95
C GLU A 460 -11.85 -11.59 -35.36
N GLU A 461 -12.94 -11.56 -34.62
CA GLU A 461 -13.47 -12.74 -33.99
C GLU A 461 -14.11 -13.66 -35.02
N ALA A 462 -14.79 -13.09 -36.01
CA ALA A 462 -15.46 -13.86 -37.03
C ALA A 462 -14.44 -14.71 -37.75
N THR A 463 -13.28 -14.12 -38.04
CA THR A 463 -12.29 -14.87 -38.81
C THR A 463 -11.47 -15.82 -37.93
N ASP A 464 -11.19 -15.44 -36.70
CA ASP A 464 -10.55 -16.37 -35.78
C ASP A 464 -11.40 -17.66 -35.60
N ASN A 465 -12.71 -17.50 -35.39
CA ASN A 465 -13.61 -18.62 -35.36
C ASN A 465 -13.61 -19.49 -36.65
N ASP A 466 -13.37 -18.86 -37.80
CA ASP A 466 -13.33 -19.59 -39.05
C ASP A 466 -12.00 -20.29 -39.24
N LEU A 467 -10.93 -19.67 -38.74
CA LEU A 467 -9.63 -20.31 -38.82
C LEU A 467 -9.57 -21.55 -37.92
N ARG A 468 -10.12 -21.44 -36.70
CA ARG A 468 -10.28 -22.62 -35.81
C ARG A 468 -11.17 -23.69 -36.46
N ALA A 469 -12.25 -23.28 -37.11
CA ALA A 469 -13.10 -24.24 -37.80
C ALA A 469 -12.39 -25.02 -38.90
N LYS A 470 -11.66 -24.34 -39.78
CA LYS A 470 -11.05 -24.95 -40.97
C LYS A 470 -9.61 -25.45 -40.81
N PHE A 471 -8.90 -25.00 -39.78
CA PHE A 471 -7.49 -25.37 -39.56
C PHE A 471 -7.25 -25.77 -38.14
N LYS A 472 -8.16 -26.60 -37.62
CA LYS A 472 -8.13 -27.16 -36.26
C LYS A 472 -6.71 -27.27 -35.72
N GLU A 473 -5.92 -28.19 -36.30
CA GLU A 473 -4.51 -28.40 -35.96
C GLU A 473 -3.67 -27.14 -36.03
N ARG A 474 -3.63 -26.51 -37.20
CA ARG A 474 -2.66 -25.45 -37.45
C ARG A 474 -2.98 -24.17 -36.67
N TRP A 475 -4.22 -24.03 -36.23
CA TRP A 475 -4.66 -22.81 -35.57
C TRP A 475 -5.22 -23.14 -34.18
N GLN A 476 -4.41 -22.96 -33.14
CA GLN A 476 -4.90 -23.09 -31.76
C GLN A 476 -4.25 -22.08 -30.81
N ARG A 477 -5.01 -21.03 -30.51
CA ARG A 477 -4.69 -20.08 -29.48
C ARG A 477 -6.01 -19.86 -28.75
N THR A 478 -5.95 -19.38 -27.51
CA THR A 478 -7.18 -19.02 -26.83
C THR A 478 -8.02 -18.20 -27.83
N PRO A 479 -9.30 -18.56 -28.00
CA PRO A 479 -10.15 -17.88 -28.97
C PRO A 479 -10.24 -16.39 -28.70
N SER A 480 -10.69 -15.61 -29.68
CA SER A 480 -10.81 -14.16 -29.52
C SER A 480 -11.81 -13.79 -28.43
N ASN A 481 -12.98 -14.45 -28.46
CA ASN A 481 -13.99 -14.39 -27.40
C ASN A 481 -13.46 -14.12 -26.00
N GLU A 482 -12.54 -14.96 -25.53
CA GLU A 482 -12.01 -14.82 -24.18
C GLU A 482 -11.11 -13.61 -24.03
N LEU A 483 -10.18 -13.44 -24.96
CA LEU A 483 -9.34 -12.26 -24.95
C LEU A 483 -10.15 -10.96 -25.01
N TYR A 484 -11.30 -11.00 -25.66
CA TYR A 484 -12.05 -9.77 -25.89
C TYR A 484 -13.08 -9.39 -24.82
N LYS A 485 -13.55 -10.35 -24.02
CA LYS A 485 -14.57 -10.03 -23.02
C LYS A 485 -14.26 -8.82 -22.10
N PRO A 486 -13.00 -8.66 -21.61
CA PRO A 486 -12.62 -7.44 -20.88
C PRO A 486 -12.93 -6.12 -21.61
N LEU A 487 -12.52 -6.01 -22.86
CA LEU A 487 -12.84 -4.84 -23.64
C LEU A 487 -14.34 -4.69 -23.89
N ARG A 488 -15.00 -5.80 -24.21
CA ARG A 488 -16.42 -5.79 -24.53
C ARG A 488 -17.30 -5.36 -23.36
N ALA A 489 -16.79 -5.54 -22.15
CA ALA A 489 -17.50 -5.17 -20.94
C ALA A 489 -17.28 -3.68 -20.67
N GLU A 490 -16.11 -3.15 -21.04
CA GLU A 490 -15.97 -1.70 -21.12
C GLU A 490 -16.97 -1.17 -22.15
N GLY A 491 -17.10 -1.93 -23.24
CA GLY A 491 -18.04 -1.60 -24.30
C GLY A 491 -19.44 -1.35 -23.79
N THR A 492 -20.05 -2.35 -23.14
CA THR A 492 -21.45 -2.20 -22.72
C THR A 492 -21.61 -1.13 -21.62
N ASN A 493 -20.50 -0.88 -20.90
CA ASN A 493 -20.45 0.21 -19.94
C ASN A 493 -20.62 1.56 -20.65
N PHE A 494 -19.73 1.86 -21.58
CA PHE A 494 -19.82 3.09 -22.35
C PHE A 494 -21.19 3.33 -22.91
N ARG A 495 -21.84 2.25 -23.31
CA ARG A 495 -23.18 2.26 -23.87
C ARG A 495 -24.15 2.86 -22.85
N THR A 496 -23.97 2.47 -21.59
CA THR A 496 -24.80 2.93 -20.52
C THR A 496 -24.56 4.41 -20.29
N VAL A 497 -23.30 4.83 -20.41
CA VAL A 497 -22.97 6.24 -20.25
C VAL A 497 -23.66 7.05 -21.35
N LEU A 498 -23.63 6.55 -22.57
CA LEU A 498 -24.30 7.20 -23.69
C LEU A 498 -25.81 7.33 -23.50
N ASP A 499 -26.44 6.28 -22.98
CA ASP A 499 -27.90 6.29 -22.78
C ASP A 499 -28.35 7.36 -21.77
N LYS A 500 -27.51 7.63 -20.77
CA LYS A 500 -27.79 8.65 -19.76
C LYS A 500 -27.58 10.05 -20.36
N ALA A 501 -26.54 10.19 -21.18
CA ALA A 501 -26.25 11.43 -21.86
C ALA A 501 -27.40 11.84 -22.80
N VAL A 502 -27.94 10.88 -23.55
CA VAL A 502 -29.11 11.12 -24.43
C VAL A 502 -30.32 11.62 -23.64
N GLN A 503 -30.59 10.97 -22.52
CA GLN A 503 -31.68 11.37 -21.67
C GLN A 503 -31.46 12.80 -21.19
N ALA A 504 -30.22 13.09 -20.79
CA ALA A 504 -29.80 14.44 -20.43
C ALA A 504 -30.01 15.44 -21.57
N ASP A 505 -29.54 15.10 -22.78
CA ASP A 505 -29.92 15.86 -23.99
C ASP A 505 -31.42 16.09 -24.08
N GLY A 506 -32.21 15.08 -23.77
CA GLY A 506 -33.65 15.20 -23.74
C GLY A 506 -34.14 16.32 -22.84
N GLN A 507 -33.57 16.44 -21.64
CA GLN A 507 -34.00 17.45 -20.69
C GLN A 507 -33.65 18.85 -21.19
N VAL A 508 -32.47 19.00 -21.76
CA VAL A 508 -32.06 20.29 -22.26
C VAL A 508 -32.87 20.71 -23.50
N LYS A 509 -33.12 19.80 -24.44
CA LYS A 509 -33.93 20.16 -25.61
C LYS A 509 -35.32 20.67 -25.20
N GLU A 510 -36.00 19.89 -24.36
CA GLU A 510 -37.35 20.21 -23.93
C GLU A 510 -37.42 21.53 -23.16
N CYS A 511 -36.40 21.78 -22.33
CA CYS A 511 -36.31 23.04 -21.62
C CYS A 511 -36.06 24.16 -22.62
N TYR A 512 -35.11 23.94 -23.53
CA TYR A 512 -34.72 24.95 -24.53
C TYR A 512 -35.83 25.37 -25.42
N GLN A 513 -36.65 24.42 -25.88
CA GLN A 513 -37.75 24.82 -26.72
C GLN A 513 -38.97 25.27 -25.91
N SER A 514 -38.98 24.94 -24.62
CA SER A 514 -40.01 25.45 -23.71
C SER A 514 -39.72 26.91 -23.28
N HIS A 515 -38.52 27.38 -23.54
CA HIS A 515 -38.14 28.72 -23.09
C HIS A 515 -37.56 29.61 -24.20
N ARG A 516 -37.49 29.08 -25.41
CA ARG A 516 -36.94 29.82 -26.56
C ARG A 516 -37.60 31.20 -26.77
N ASP A 517 -38.92 31.22 -26.93
CA ASP A 517 -39.63 32.38 -27.48
C ASP A 517 -39.44 33.61 -26.58
N THR A 518 -39.61 33.40 -25.27
CA THR A 518 -39.38 34.49 -24.31
C THR A 518 -37.93 34.97 -24.31
N ILE A 519 -36.98 34.05 -24.32
CA ILE A 519 -35.58 34.48 -24.42
C ILE A 519 -35.36 35.42 -25.61
N VAL A 520 -35.97 35.08 -26.76
CA VAL A 520 -35.81 35.84 -28.01
C VAL A 520 -36.31 37.27 -27.83
N LEU A 521 -37.39 37.39 -27.07
CA LEU A 521 -37.89 38.70 -26.66
C LEU A 521 -36.78 39.50 -25.91
N LEU A 522 -36.35 38.97 -24.77
CA LEU A 522 -35.30 39.57 -23.94
C LEU A 522 -34.07 40.08 -24.71
N CYS A 523 -33.74 39.43 -25.81
CA CYS A 523 -32.55 39.80 -26.59
C CYS A 523 -32.75 40.94 -27.59
N LYS A 524 -33.95 41.49 -27.67
CA LYS A 524 -34.24 42.58 -28.62
C LYS A 524 -33.64 43.93 -28.15
N PRO A 525 -33.23 44.82 -29.08
CA PRO A 525 -32.82 46.19 -28.70
C PRO A 525 -33.80 46.87 -27.74
N GLU A 526 -33.34 47.87 -26.99
CA GLU A 526 -34.13 48.48 -25.91
C GLU A 526 -35.55 48.99 -26.28
N PRO A 527 -35.70 49.75 -27.38
CA PRO A 527 -37.06 50.22 -27.70
C PRO A 527 -37.98 49.13 -28.27
N GLU A 528 -37.45 48.32 -29.18
CA GLU A 528 -38.17 47.15 -29.70
C GLU A 528 -38.70 46.28 -28.57
N LEU A 529 -37.87 46.07 -27.55
CA LEU A 529 -38.29 45.32 -26.39
C LEU A 529 -39.28 46.12 -25.59
N ASN A 530 -39.12 47.44 -25.58
CA ASN A 530 -40.04 48.23 -24.81
C ASN A 530 -41.44 48.19 -25.43
N ALA A 531 -41.50 48.23 -26.76
CA ALA A 531 -42.75 48.11 -27.50
C ALA A 531 -43.48 46.78 -27.21
N ALA A 532 -42.73 45.73 -26.94
CA ALA A 532 -43.36 44.44 -26.77
C ALA A 532 -43.84 44.19 -25.34
N ILE A 533 -43.44 45.05 -24.40
CA ILE A 533 -43.87 44.95 -23.01
C ILE A 533 -45.12 45.81 -22.84
N PRO A 534 -46.20 45.25 -22.26
CA PRO A 534 -47.44 46.04 -22.17
C PRO A 534 -47.25 47.17 -21.16
N SER A 535 -47.83 48.33 -21.45
CA SER A 535 -47.74 49.49 -20.56
C SER A 535 -48.89 49.55 -19.55
N ALA A 536 -48.64 50.27 -18.46
CA ALA A 536 -49.60 50.41 -17.38
C ALA A 536 -49.53 51.81 -16.73
N ASN A 537 -50.60 52.18 -16.07
CA ASN A 537 -50.58 53.34 -15.19
C ASN A 537 -49.93 52.86 -13.88
N PRO A 538 -48.98 53.64 -13.34
CA PRO A 538 -48.36 53.21 -12.09
C PRO A 538 -49.27 53.50 -10.89
N ALA A 539 -49.14 52.70 -9.83
CA ALA A 539 -49.76 53.04 -8.55
C ALA A 539 -48.86 54.08 -7.85
N LYS A 540 -49.21 55.34 -8.08
CA LYS A 540 -48.30 56.49 -8.02
C LYS A 540 -47.66 56.85 -6.67
N THR A 541 -48.24 56.39 -5.57
CA THR A 541 -47.72 56.74 -4.24
C THR A 541 -46.45 55.94 -3.87
N MET A 542 -45.97 55.17 -4.84
CA MET A 542 -44.67 54.50 -4.73
C MET A 542 -43.53 55.52 -4.85
N GLN A 543 -43.74 56.70 -4.28
CA GLN A 543 -42.73 57.75 -4.25
C GLN A 543 -41.47 57.30 -3.52
N GLY A 544 -41.51 57.37 -2.19
CA GLY A 544 -40.41 56.91 -1.35
C GLY A 544 -40.88 56.09 -0.15
N SER A 545 -41.82 55.17 -0.42
CA SER A 545 -42.48 54.38 0.62
C SER A 545 -41.50 53.49 1.39
N GLU A 546 -41.72 53.34 2.70
CA GLU A 546 -40.80 52.57 3.56
C GLU A 546 -40.71 51.10 3.16
N VAL A 547 -41.83 50.55 2.68
CA VAL A 547 -41.89 49.17 2.20
C VAL A 547 -41.01 49.00 0.95
N VAL A 548 -40.79 50.10 0.23
CA VAL A 548 -39.96 50.09 -0.97
C VAL A 548 -38.47 50.08 -0.63
N ASN A 549 -38.02 51.07 0.14
CA ASN A 549 -36.62 51.13 0.58
C ASN A 549 -36.16 49.89 1.35
N VAL A 550 -37.05 49.39 2.25
CA VAL A 550 -36.83 48.09 2.92
C VAL A 550 -36.62 46.96 1.92
N LEU A 551 -37.56 46.80 0.97
CA LEU A 551 -37.38 45.77 -0.06
C LEU A 551 -36.05 46.02 -0.80
N LYS A 552 -35.85 47.26 -1.27
CA LYS A 552 -34.63 47.64 -2.00
C LYS A 552 -33.31 47.18 -1.31
N SER A 553 -33.11 47.62 -0.06
CA SER A 553 -31.91 47.30 0.74
C SER A 553 -31.82 45.80 0.96
N LEU A 554 -33.00 45.15 1.12
CA LEU A 554 -33.06 43.69 1.27
C LEU A 554 -32.64 42.94 0.00
N LEU A 555 -32.94 43.54 -1.15
CA LEU A 555 -32.54 42.97 -2.43
C LEU A 555 -31.07 43.23 -2.69
N SER A 556 -30.61 44.40 -2.30
CA SER A 556 -29.20 44.71 -2.39
C SER A 556 -28.39 43.69 -1.62
N ASN A 557 -28.93 43.27 -0.47
CA ASN A 557 -28.30 42.30 0.40
C ASN A 557 -28.49 40.86 -0.02
N LEU A 558 -29.62 40.54 -0.64
CA LEU A 558 -29.76 39.21 -1.23
C LEU A 558 -28.81 39.09 -2.40
N ASP A 559 -28.69 40.16 -3.18
CA ASP A 559 -27.73 40.23 -4.28
C ASP A 559 -26.29 39.95 -3.80
N GLU A 560 -25.83 40.83 -2.90
CA GLU A 560 -24.60 40.67 -2.14
C GLU A 560 -24.32 39.19 -1.86
N VAL A 561 -25.25 38.56 -1.15
CA VAL A 561 -25.13 37.14 -0.80
C VAL A 561 -24.85 36.22 -2.00
N LYS A 562 -25.59 36.38 -3.09
CA LYS A 562 -25.41 35.46 -4.21
C LYS A 562 -24.16 35.74 -5.07
N LYS A 563 -23.74 37.01 -5.15
CA LYS A 563 -22.48 37.36 -5.83
C LYS A 563 -21.28 36.87 -5.03
N GLU A 564 -21.45 36.71 -3.72
CA GLU A 564 -20.41 36.17 -2.85
C GLU A 564 -20.26 34.64 -3.03
N ARG A 565 -21.33 33.97 -3.44
CA ARG A 565 -21.27 32.52 -3.65
C ARG A 565 -20.35 32.12 -4.80
N GLU A 566 -20.15 33.04 -5.72
CA GLU A 566 -19.31 32.81 -6.88
C GLU A 566 -17.85 32.69 -6.47
N GLY A 567 -17.39 33.62 -5.61
CA GLY A 567 -16.01 33.64 -5.11
C GLY A 567 -15.74 32.58 -4.06
N LEU A 568 -16.79 32.11 -3.40
CA LEU A 568 -16.68 30.96 -2.51
C LEU A 568 -16.41 29.71 -3.32
N GLU A 569 -17.30 29.43 -4.27
CA GLU A 569 -17.13 28.30 -5.16
C GLU A 569 -15.77 28.30 -5.83
N ASN A 570 -15.23 29.48 -6.12
CA ASN A 570 -13.92 29.51 -6.75
C ASN A 570 -12.75 29.21 -5.83
N ASP A 571 -12.89 29.57 -4.54
CA ASP A 571 -11.84 29.30 -3.57
C ASP A 571 -11.95 27.88 -3.07
N LEU A 572 -13.17 27.36 -3.11
CA LEU A 572 -13.38 25.97 -2.75
C LEU A 572 -12.65 25.11 -3.77
N LYS A 573 -12.64 25.56 -5.03
CA LYS A 573 -12.11 24.81 -6.18
C LYS A 573 -10.63 25.03 -6.48
N SER A 574 -10.12 26.23 -6.25
CA SER A 574 -8.78 26.58 -6.69
C SER A 574 -7.63 26.18 -5.72
N VAL A 575 -7.99 25.78 -4.50
CA VAL A 575 -7.01 25.37 -3.53
C VAL A 575 -6.94 23.83 -3.46
N ASN A 576 -5.76 23.33 -3.14
CA ASN A 576 -5.63 21.98 -2.58
C ASN A 576 -4.35 21.75 -1.82
N PHE A 577 -4.44 20.74 -0.97
CA PHE A 577 -3.34 20.33 -0.16
C PHE A 577 -2.91 18.96 -0.61
N ASP A 578 -1.64 18.87 -0.98
CA ASP A 578 -0.92 17.62 -1.21
C ASP A 578 -0.67 16.97 0.13
N MET A 579 -1.11 15.74 0.29
CA MET A 579 -1.19 15.10 1.59
C MET A 579 -0.13 14.01 1.80
N THR A 580 0.45 13.55 0.70
CA THR A 580 1.54 12.56 0.69
C THR A 580 2.47 12.69 1.90
N SER A 581 3.09 13.86 2.01
CA SER A 581 4.05 14.16 3.05
C SER A 581 3.49 13.96 4.45
N LYS A 582 2.26 14.40 4.70
CA LYS A 582 1.63 14.25 6.01
C LYS A 582 1.47 12.77 6.36
N PHE A 583 1.09 11.95 5.36
CA PHE A 583 1.03 10.50 5.51
C PHE A 583 2.42 9.91 5.69
N LEU A 584 3.33 10.24 4.77
CA LEU A 584 4.72 9.81 4.84
C LEU A 584 5.23 10.00 6.27
N THR A 585 4.99 11.19 6.83
CA THR A 585 5.37 11.48 8.20
C THR A 585 4.69 10.51 9.17
N ALA A 586 3.36 10.52 9.22
CA ALA A 586 2.63 9.67 10.16
C ALA A 586 3.02 8.19 10.08
N LEU A 587 3.60 7.78 8.96
CA LEU A 587 4.07 6.40 8.77
C LEU A 587 5.47 6.20 9.35
N ALA A 588 6.38 7.15 9.08
CA ALA A 588 7.75 7.09 9.59
C ALA A 588 7.80 7.23 11.11
N GLN A 589 7.19 8.30 11.64
CA GLN A 589 7.17 8.51 13.09
C GLN A 589 6.30 7.46 13.84
N ASP A 590 5.04 7.34 13.46
CA ASP A 590 4.14 6.36 14.09
C ASP A 590 4.18 5.03 13.32
N GLY A 591 3.33 4.09 13.73
CA GLY A 591 3.34 2.73 13.18
C GLY A 591 2.69 2.62 11.81
N VAL A 592 1.38 2.86 11.77
CA VAL A 592 0.61 2.88 10.52
C VAL A 592 0.01 4.27 10.27
N ILE A 593 -0.67 4.41 9.14
CA ILE A 593 -1.42 5.63 8.84
C ILE A 593 -2.88 5.38 9.14
N ASN A 594 -3.49 6.25 9.94
CA ASN A 594 -4.94 6.37 9.94
C ASN A 594 -5.37 7.69 9.30
N GLU A 595 -5.73 7.63 8.03
CA GLU A 595 -6.11 8.82 7.28
C GLU A 595 -7.46 9.39 7.76
N GLU A 596 -8.39 8.50 8.10
CA GLU A 596 -9.73 8.90 8.57
C GLU A 596 -9.60 10.15 9.42
N ALA A 597 -8.96 10.02 10.58
CA ALA A 597 -8.83 11.14 11.51
C ALA A 597 -7.78 12.18 11.10
N LEU A 598 -6.79 11.75 10.32
CA LEU A 598 -5.70 12.64 9.89
C LEU A 598 -6.13 13.61 8.78
N SER A 599 -7.14 13.20 8.00
CA SER A 599 -7.67 14.00 6.89
C SER A 599 -8.77 14.95 7.36
N VAL A 600 -9.68 14.42 8.17
CA VAL A 600 -10.75 15.19 8.79
C VAL A 600 -10.22 16.48 9.43
N THR A 601 -9.04 16.41 10.06
CA THR A 601 -8.45 17.60 10.71
C THR A 601 -7.79 18.56 9.70
N GLU A 602 -7.25 18.00 8.62
CA GLU A 602 -6.60 18.81 7.60
C GLU A 602 -7.64 19.40 6.65
N LEU A 603 -8.67 18.61 6.34
CA LEU A 603 -9.80 19.14 5.58
C LEU A 603 -10.41 20.33 6.31
N ASP A 604 -10.16 20.45 7.61
CA ASP A 604 -10.74 21.52 8.40
C ASP A 604 -9.89 22.77 8.39
N ARG A 605 -8.59 22.58 8.33
CA ARG A 605 -7.65 23.70 8.26
C ARG A 605 -7.68 24.27 6.85
N VAL A 606 -7.91 23.41 5.86
CA VAL A 606 -7.86 23.84 4.48
C VAL A 606 -9.19 24.44 4.03
N TYR A 607 -10.28 23.80 4.43
CA TYR A 607 -11.59 24.15 3.88
C TYR A 607 -12.54 24.77 4.88
N GLY A 608 -12.23 24.60 6.16
CA GLY A 608 -13.07 25.12 7.24
C GLY A 608 -13.43 26.57 7.10
N GLY A 609 -12.48 27.38 6.63
CA GLY A 609 -12.69 28.82 6.47
C GLY A 609 -13.83 29.07 5.51
N LEU A 610 -13.89 28.24 4.47
CA LEU A 610 -14.89 28.35 3.44
C LEU A 610 -16.18 27.58 3.78
N THR A 611 -16.09 26.38 4.34
CA THR A 611 -17.30 25.63 4.73
C THR A 611 -18.14 26.39 5.76
N THR A 612 -17.46 27.17 6.60
CA THR A 612 -18.14 28.04 7.60
C THR A 612 -19.04 29.04 6.87
N LYS A 613 -18.45 29.73 5.88
CA LYS A 613 -19.14 30.76 5.13
C LYS A 613 -20.30 30.22 4.29
N VAL A 614 -20.11 29.05 3.71
CA VAL A 614 -21.13 28.42 2.90
C VAL A 614 -22.37 28.18 3.75
N GLN A 615 -22.20 27.72 4.98
CA GLN A 615 -23.35 27.59 5.89
C GLN A 615 -23.95 28.93 6.33
N GLU A 616 -23.08 29.92 6.54
CA GLU A 616 -23.52 31.26 6.90
C GLU A 616 -24.25 31.95 5.74
N SER A 617 -24.01 31.46 4.52
CA SER A 617 -24.69 31.95 3.32
C SER A 617 -26.15 31.46 3.23
N LEU A 618 -26.35 30.15 3.34
CA LEU A 618 -27.70 29.55 3.42
C LEU A 618 -28.62 30.14 4.48
N LYS A 619 -28.18 30.17 5.73
CA LYS A 619 -29.00 30.74 6.82
C LYS A 619 -29.31 32.21 6.60
N LYS A 620 -28.34 32.95 6.05
CA LYS A 620 -28.55 34.34 5.70
C LYS A 620 -29.56 34.46 4.56
N GLN A 621 -29.57 33.52 3.61
CA GLN A 621 -30.61 33.47 2.58
C GLN A 621 -31.98 33.20 3.21
N GLU A 622 -32.07 32.10 3.97
CA GLU A 622 -33.32 31.71 4.64
C GLU A 622 -33.88 32.86 5.45
N GLY A 623 -33.01 33.54 6.18
CA GLY A 623 -33.35 34.77 6.87
C GLY A 623 -33.93 35.81 5.92
N LEU A 624 -33.14 36.19 4.92
CA LEU A 624 -33.57 37.20 3.96
C LEU A 624 -34.86 36.88 3.18
N LEU A 625 -35.13 35.60 2.94
CA LEU A 625 -36.33 35.20 2.19
C LEU A 625 -37.60 35.19 3.02
N LYS A 626 -37.49 34.71 4.26
CA LYS A 626 -38.60 34.71 5.23
C LYS A 626 -39.20 36.11 5.37
N ASN A 627 -38.35 37.07 5.74
CA ASN A 627 -38.75 38.48 5.82
C ASN A 627 -38.44 39.28 4.55
N ILE A 628 -38.84 38.71 3.41
CA ILE A 628 -38.96 39.41 2.12
C ILE A 628 -40.35 39.13 1.57
N GLN A 629 -40.83 37.90 1.78
CA GLN A 629 -42.16 37.50 1.37
C GLN A 629 -43.24 38.16 2.22
N VAL A 630 -42.93 38.41 3.49
CA VAL A 630 -43.83 39.13 4.40
C VAL A 630 -43.79 40.63 4.09
N SER A 631 -42.62 41.10 3.67
CA SER A 631 -42.44 42.49 3.28
C SER A 631 -43.04 42.75 1.89
N HIS A 632 -42.99 41.75 1.02
CA HIS A 632 -43.64 41.83 -0.29
C HIS A 632 -45.15 41.86 -0.15
N GLN A 633 -45.70 40.80 0.45
CA GLN A 633 -47.14 40.65 0.61
C GLN A 633 -47.82 41.92 1.13
N GLU A 634 -47.11 42.67 1.98
CA GLU A 634 -47.57 43.99 2.43
C GLU A 634 -47.43 45.03 1.32
N PHE A 635 -46.32 45.00 0.59
CA PHE A 635 -46.09 45.92 -0.54
C PHE A 635 -47.21 45.86 -1.59
N SER A 636 -47.69 44.65 -1.88
CA SER A 636 -48.70 44.42 -2.91
C SER A 636 -50.08 44.97 -2.52
N LYS A 637 -50.36 44.95 -1.22
CA LYS A 637 -51.60 45.52 -0.69
C LYS A 637 -51.67 47.04 -0.84
N MET A 638 -50.66 47.62 -1.47
CA MET A 638 -50.58 49.06 -1.67
C MET A 638 -50.73 49.45 -3.14
N LYS A 639 -50.70 48.46 -4.04
CA LYS A 639 -50.71 48.73 -5.48
C LYS A 639 -51.70 47.82 -6.25
N GLN A 640 -52.90 48.36 -6.49
CA GLN A 640 -54.08 47.57 -6.92
C GLN A 640 -53.96 46.71 -8.18
N SER A 641 -54.90 45.76 -8.31
CA SER A 641 -54.88 44.77 -9.40
C SER A 641 -56.00 44.95 -10.41
N ASN A 642 -55.60 45.44 -11.59
CA ASN A 642 -56.46 45.56 -12.77
C ASN A 642 -55.78 44.86 -13.96
N ASN A 643 -56.50 44.76 -15.07
CA ASN A 643 -56.05 44.01 -16.25
C ASN A 643 -54.75 44.55 -16.87
N GLU A 644 -54.60 45.87 -16.91
CA GLU A 644 -53.53 46.55 -17.66
C GLU A 644 -52.13 46.40 -17.03
N ALA A 645 -52.11 46.24 -15.70
CA ALA A 645 -50.86 46.03 -14.96
C ALA A 645 -50.64 44.57 -14.52
N ASN A 646 -51.67 43.74 -14.62
CA ASN A 646 -51.54 42.28 -14.51
C ASN A 646 -50.81 41.76 -15.73
N LEU A 647 -51.19 42.31 -16.88
CA LEU A 647 -50.55 42.07 -18.15
C LEU A 647 -49.09 42.50 -18.09
N ARG A 648 -48.83 43.73 -17.65
CA ARG A 648 -47.47 44.16 -17.49
C ARG A 648 -46.75 43.24 -16.50
N GLU A 649 -47.44 42.90 -15.40
CA GLU A 649 -46.93 42.00 -14.37
C GLU A 649 -46.43 40.67 -14.93
N GLU A 650 -47.29 39.93 -15.62
CA GLU A 650 -46.82 38.64 -16.11
C GLU A 650 -45.62 38.75 -17.05
N VAL A 651 -45.67 39.72 -17.96
CA VAL A 651 -44.63 39.84 -18.97
C VAL A 651 -43.30 40.10 -18.28
N LEU A 652 -43.35 40.94 -17.27
CA LEU A 652 -42.22 41.23 -16.42
C LEU A 652 -41.68 40.01 -15.66
N LYS A 653 -42.53 39.31 -14.90
CA LYS A 653 -42.11 38.09 -14.23
C LYS A 653 -41.57 37.10 -15.25
N ASN A 654 -42.22 37.00 -16.40
CA ASN A 654 -41.81 36.04 -17.40
C ASN A 654 -40.53 36.45 -18.08
N LEU A 655 -40.26 37.74 -18.16
CA LEU A 655 -38.95 38.16 -18.66
C LEU A 655 -37.85 37.86 -17.66
N ALA A 656 -38.17 37.88 -16.36
CA ALA A 656 -37.14 37.54 -15.37
C ALA A 656 -36.94 36.05 -15.35
N THR A 657 -38.02 35.29 -15.44
CA THR A 657 -37.89 33.83 -15.55
C THR A 657 -37.07 33.49 -16.79
N ALA A 658 -37.26 34.23 -17.86
CA ALA A 658 -36.49 34.03 -19.08
C ALA A 658 -34.99 34.22 -18.89
N TYR A 659 -34.59 35.13 -18.01
CA TYR A 659 -33.17 35.42 -17.83
C TYR A 659 -32.53 34.25 -17.12
N ASP A 660 -33.20 33.77 -16.09
CA ASP A 660 -32.70 32.63 -15.35
C ASP A 660 -32.48 31.51 -16.31
N ASN A 661 -33.50 31.19 -17.11
CA ASN A 661 -33.42 30.08 -18.05
C ASN A 661 -32.28 30.18 -19.04
N PHE A 662 -32.06 31.36 -19.62
CA PHE A 662 -30.95 31.54 -20.56
C PHE A 662 -29.64 31.19 -19.89
N VAL A 663 -29.45 31.66 -18.67
CA VAL A 663 -28.19 31.50 -17.95
C VAL A 663 -27.96 30.02 -17.59
N GLU A 664 -29.04 29.36 -17.20
CA GLU A 664 -29.05 27.98 -16.79
C GLU A 664 -28.79 27.07 -17.98
N LEU A 665 -29.36 27.44 -19.13
CA LEU A 665 -29.30 26.66 -20.37
C LEU A 665 -27.90 26.71 -20.96
N VAL A 666 -27.34 27.90 -21.01
CA VAL A 666 -25.97 28.05 -21.41
C VAL A 666 -25.11 27.09 -20.59
N ALA A 667 -25.36 27.02 -19.27
CA ALA A 667 -24.53 26.23 -18.36
C ALA A 667 -24.74 24.71 -18.51
N ASN A 668 -25.99 24.30 -18.69
CA ASN A 668 -26.30 22.92 -19.02
C ASN A 668 -25.75 22.56 -20.38
N LEU A 669 -25.87 23.47 -21.35
CA LEU A 669 -25.33 23.24 -22.67
C LEU A 669 -23.82 23.09 -22.66
N LYS A 670 -23.10 24.00 -22.00
CA LYS A 670 -21.65 23.87 -21.94
C LYS A 670 -21.18 22.61 -21.21
N GLU A 671 -21.88 22.24 -20.14
CA GLU A 671 -21.64 20.99 -19.44
C GLU A 671 -21.80 19.80 -20.41
N GLY A 672 -22.92 19.73 -21.11
CA GLY A 672 -23.08 18.71 -22.15
C GLY A 672 -21.91 18.68 -23.14
N THR A 673 -21.51 19.87 -23.60
CA THR A 673 -20.42 19.98 -24.55
C THR A 673 -19.12 19.41 -23.96
N LYS A 674 -18.72 19.93 -22.79
CA LYS A 674 -17.51 19.46 -22.13
C LYS A 674 -17.54 17.94 -21.95
N PHE A 675 -18.69 17.40 -21.51
CA PHE A 675 -18.86 15.98 -21.26
C PHE A 675 -18.62 15.20 -22.52
N TYR A 676 -19.34 15.55 -23.59
CA TYR A 676 -19.18 14.93 -24.90
C TYR A 676 -17.79 15.11 -25.46
N ASN A 677 -17.07 16.13 -25.01
CA ASN A 677 -15.69 16.30 -25.43
C ASN A 677 -14.66 15.49 -24.64
N GLU A 678 -14.84 15.38 -23.32
CA GLU A 678 -14.01 14.49 -22.53
C GLU A 678 -14.27 13.04 -22.91
N LEU A 679 -15.52 12.74 -23.29
CA LEU A 679 -15.90 11.39 -23.66
C LEU A 679 -15.24 10.95 -24.96
N THR A 680 -15.02 11.88 -25.86
CA THR A 680 -14.34 11.55 -27.09
C THR A 680 -12.93 11.13 -26.74
N GLU A 681 -12.28 11.89 -25.86
CA GLU A 681 -10.95 11.52 -25.31
C GLU A 681 -10.88 10.07 -24.82
N ILE A 682 -11.80 9.73 -23.92
CA ILE A 682 -11.84 8.39 -23.34
C ILE A 682 -12.04 7.37 -24.46
N LEU A 683 -12.93 7.66 -25.40
CA LEU A 683 -13.28 6.72 -26.47
C LEU A 683 -12.22 6.54 -27.55
N VAL A 684 -11.36 7.55 -27.77
CA VAL A 684 -10.25 7.42 -28.71
C VAL A 684 -9.21 6.44 -28.15
N ARG A 685 -8.94 6.53 -26.85
CA ARG A 685 -8.02 5.61 -26.19
C ARG A 685 -8.54 4.19 -26.32
N PHE A 686 -9.85 4.05 -26.08
CA PHE A 686 -10.52 2.77 -26.20
C PHE A 686 -10.47 2.25 -27.64
N GLN A 687 -10.54 3.16 -28.60
CA GLN A 687 -10.48 2.77 -30.00
C GLN A 687 -9.11 2.18 -30.30
N ASN A 688 -8.09 2.73 -29.65
CA ASN A 688 -6.73 2.27 -29.83
C ASN A 688 -6.37 1.02 -29.02
N LYS A 689 -6.99 0.86 -27.86
CA LYS A 689 -6.83 -0.37 -27.08
C LYS A 689 -7.39 -1.52 -27.92
N CYS A 690 -8.51 -1.27 -28.61
CA CYS A 690 -9.10 -2.27 -29.48
C CYS A 690 -8.17 -2.61 -30.67
N SER A 691 -7.65 -1.60 -31.37
CA SER A 691 -6.83 -1.89 -32.57
C SER A 691 -5.47 -2.53 -32.25
N ASP A 692 -4.90 -2.18 -31.10
CA ASP A 692 -3.65 -2.77 -30.64
C ASP A 692 -3.82 -4.25 -30.37
N ILE A 693 -4.96 -4.62 -29.77
CA ILE A 693 -5.26 -6.01 -29.41
C ILE A 693 -5.66 -6.85 -30.63
N VAL A 694 -6.14 -6.21 -31.68
CA VAL A 694 -6.35 -6.88 -32.97
C VAL A 694 -5.05 -6.98 -33.78
N PHE A 695 -4.11 -6.06 -33.55
CA PHE A 695 -2.83 -6.09 -34.27
C PHE A 695 -1.79 -7.06 -33.65
N ALA A 696 -1.98 -7.40 -32.38
CA ALA A 696 -1.06 -8.29 -31.68
C ALA A 696 -1.50 -9.73 -31.92
N ARG A 697 -2.73 -10.00 -31.51
CA ARG A 697 -3.43 -11.25 -31.79
C ARG A 697 -3.41 -11.58 -33.27
N GLU B 1 -27.86 15.59 -10.55
CA GLU B 1 -26.85 15.37 -11.63
C GLU B 1 -27.47 15.27 -13.04
N LEU B 2 -27.02 16.17 -13.93
CA LEU B 2 -27.53 16.18 -15.31
C LEU B 2 -26.78 15.18 -16.20
N TYR B 3 -25.66 15.63 -16.77
CA TYR B 3 -24.74 14.74 -17.51
C TYR B 3 -23.84 13.92 -16.58
N PRO B 4 -23.62 12.63 -16.89
CA PRO B 4 -22.94 11.82 -15.89
C PRO B 4 -21.43 12.00 -15.92
N LEU B 5 -20.98 13.08 -15.30
CA LEU B 5 -19.55 13.36 -15.13
C LEU B 5 -18.89 12.48 -14.05
N THR B 6 -19.72 11.88 -13.20
CA THR B 6 -19.30 10.86 -12.23
C THR B 6 -18.74 9.63 -12.96
N SER B 7 -19.62 8.95 -13.70
CA SER B 7 -19.24 7.83 -14.55
C SER B 7 -18.08 8.18 -15.48
N LEU B 8 -18.06 9.42 -15.95
CA LEU B 8 -17.08 9.85 -16.95
C LEU B 8 -15.65 9.96 -16.41
N ARG B 9 -15.48 10.70 -15.31
CA ARG B 9 -14.15 10.98 -14.79
C ARG B 9 -13.44 9.77 -14.18
N SER B 10 -14.20 8.79 -13.71
CA SER B 10 -13.63 7.55 -13.13
C SER B 10 -13.06 6.61 -14.20
N LEU B 11 -13.32 6.94 -15.47
CA LEU B 11 -12.93 6.08 -16.60
C LEU B 11 -12.03 6.89 -17.55
#